data_6O7D
#
_entry.id   6O7D
#
_cell.length_a   156.776
_cell.length_b   156.776
_cell.length_c   185.767
_cell.angle_alpha   90.00
_cell.angle_beta   90.00
_cell.angle_gamma   120.00
#
_symmetry.space_group_name_H-M   'P 65 2 2'
#
loop_
_entity.id
_entity.type
_entity.pdbx_description
1 polymer 'CRISPR system single-strand-specific deoxyribonuclease Cas10/Csm1 (subtype III-A)'
2 polymer Csm4
3 non-polymer "ADENOSINE-5'-TRIPHOSPHATE"
4 non-polymer 'MANGANESE (II) ION'
#
loop_
_entity_poly.entity_id
_entity_poly.type
_entity_poly.pdbx_seq_one_letter_code
_entity_poly.pdbx_strand_id
1 'polypeptide(L)'
;MGSSHHHHHHSQDPMEIDELTALGGLLHDIGKPVQRAGLYSGDHSTQGARFLRDLAENTGRAEYELLSLFSEFHHKGHMK
NDELMIRRIKELSPERFGLTMEDVLNALWIVYEADNLASGEREEGQPQASRPLYSVFNPGKAYPWAELDFEKELPVPGDV
FSIRSQDYRELVKRLWEELSKAKLRSDRLLPVLEKYLTFVSSVTSEGNIISLYDHMRMTSAIALAMLRAGCTAEDVRSGR
CRKEKRFLLIEGDFSGIQDFIYRVSGKGTLKYLRARSAYLELIGWDVVLEILSRLGLTRANVVFNAGGHFMIIAQNTPDA
VKELEEIRAKAVEWLYREFESDLYLAIEWEPVSGREFGREGGKNLFAEARKRLKHKLTVRKLKRFGEIKGLFEHGHTERL
AECPVCGRELPEGKLEPSASDPETKVCPTCNRLVSLGGNLPKLLGFGRTAKNDAGVLVEGPFSGFVPYLQGGRPVGEQIL
VKNTLNPGEIPESAQFVPYFVADYFKKDPKGGVATFEELSMASTGTRRLGVMKGDVDRLGEFFSSMDSPSKLATASRFMD
YFFKGYIGAIIEGKFGYIIGDVPSLRDWPEEPDIVVVYAGGDDFFIVGAWDQIFELAFRVRRAFNAYTGGKLTLSVGLGY
FDERTPIYRMADVVSERLDTAKDEGRNRVFVVGRSRPLDGKHKLSYEWNHYEELWRTYAPRIYAGNGRLKGKLESKKGLL
WKLLEIRELYVRDPNDVRWAYLTAYLLGRHGLSDLFPELVGIDTKAVERKEPQPVYWVDGVLKIVLMAVRR
;
A
2 'polypeptide(L)'
;MPKFIAVKLIPKGPFRDIPRADTLFGAIGNAISAIHGQSAVEELVDAFVGGARISSAFPYSGDTYYLPKPLSVEPALEGI
LTGLDEEERYTTAKRLRKAKYLDLKNFELALRLRPFTIPEEIPYARVDVPRVVLDRVTQDSSIYFWEEIRFREKSGVYFL
YSGPREVFDGYIAPAMRFLGDTGIGGKSTWGAGLFEVEFHEMKIDAPGSEYSVTLSNALPTKTPVLWRLLRKGGWSFGRR
KPRMTFIAEGSIVKNDPGGMERLELGLSHEVYVYGLTFPLGVELPEGLE
;
B
#
loop_
_chem_comp.id
_chem_comp.type
_chem_comp.name
_chem_comp.formula
ATP non-polymer ADENOSINE-5'-TRIPHOSPHATE 'C10 H16 N5 O13 P3'
MN non-polymer 'MANGANESE (II) ION' 'Mn 2'
#
# COMPACT_ATOMS: atom_id res chain seq x y z
N MET A 15 33.10 13.18 -19.09
CA MET A 15 32.88 12.61 -17.72
C MET A 15 33.12 13.71 -16.67
N GLU A 16 32.36 13.68 -15.59
CA GLU A 16 32.63 14.41 -14.31
C GLU A 16 32.71 13.38 -13.19
N ILE A 17 33.24 13.75 -12.02
CA ILE A 17 33.49 12.84 -10.87
C ILE A 17 32.19 12.11 -10.50
N ASP A 18 31.05 12.80 -10.57
CA ASP A 18 29.72 12.32 -10.09
C ASP A 18 29.27 11.11 -10.93
N GLU A 19 29.41 11.17 -12.26
CA GLU A 19 29.05 10.05 -13.17
C GLU A 19 30.06 8.93 -13.01
N LEU A 20 31.34 9.25 -12.77
CA LEU A 20 32.42 8.25 -12.57
C LEU A 20 32.16 7.46 -11.28
N THR A 21 31.77 8.14 -10.20
CA THR A 21 31.50 7.52 -8.87
C THR A 21 30.25 6.65 -8.93
N ALA A 22 29.26 7.03 -9.75
CA ALA A 22 28.04 6.25 -10.04
C ALA A 22 28.42 4.96 -10.76
N LEU A 23 28.94 5.07 -11.98
CA LEU A 23 29.37 3.95 -12.86
C LEU A 23 30.47 3.14 -12.13
N GLY A 24 31.25 3.82 -11.27
CA GLY A 24 32.31 3.22 -10.44
C GLY A 24 31.81 2.07 -9.59
N GLY A 25 30.94 2.37 -8.62
CA GLY A 25 30.32 1.38 -7.73
C GLY A 25 29.39 0.43 -8.48
N LEU A 26 28.91 0.85 -9.65
CA LEU A 26 27.94 0.08 -10.48
C LEU A 26 28.67 -1.03 -11.25
N LEU A 27 30.01 -0.96 -11.37
CA LEU A 27 30.84 -1.97 -12.08
C LEU A 27 31.93 -2.56 -11.16
N HIS A 28 32.07 -2.08 -9.91
CA HIS A 28 33.13 -2.55 -8.96
C HIS A 28 33.24 -4.08 -9.03
N ASP A 29 32.11 -4.77 -8.87
CA ASP A 29 32.03 -6.25 -8.74
C ASP A 29 31.46 -6.88 -10.01
N ILE A 30 31.87 -6.40 -11.19
CA ILE A 30 31.56 -7.05 -12.51
C ILE A 30 32.65 -8.09 -12.81
N GLY A 31 33.62 -8.24 -11.93
CA GLY A 31 34.64 -9.32 -12.00
C GLY A 31 34.05 -10.68 -11.68
N LYS A 32 32.94 -10.73 -10.96
CA LYS A 32 32.33 -11.99 -10.45
C LYS A 32 31.81 -12.82 -11.63
N PRO A 33 30.97 -12.27 -12.53
CA PRO A 33 30.46 -13.04 -13.67
C PRO A 33 31.56 -13.55 -14.63
N VAL A 34 32.69 -12.85 -14.72
CA VAL A 34 33.80 -13.19 -15.67
C VAL A 34 34.70 -14.28 -15.06
N GLN A 35 34.96 -14.24 -13.75
CA GLN A 35 35.67 -15.33 -13.01
C GLN A 35 34.87 -16.63 -13.18
N ARG A 36 33.56 -16.56 -12.92
CA ARG A 36 32.64 -17.74 -12.86
C ARG A 36 32.38 -18.28 -14.27
N ALA A 37 32.79 -17.54 -15.31
CA ALA A 37 32.81 -17.99 -16.73
C ALA A 37 34.15 -18.69 -17.03
N GLY A 38 35.21 -18.34 -16.27
CA GLY A 38 36.58 -18.87 -16.46
C GLY A 38 37.17 -18.38 -17.77
N LEU A 39 37.19 -17.06 -17.95
CA LEU A 39 37.71 -16.43 -19.19
C LEU A 39 39.12 -15.92 -18.94
N TYR A 40 39.37 -15.42 -17.74
CA TYR A 40 40.73 -14.92 -17.42
C TYR A 40 41.37 -15.82 -16.37
N SER A 41 42.54 -15.45 -15.89
CA SER A 41 43.23 -16.29 -14.89
C SER A 41 43.54 -15.42 -13.70
N GLY A 42 42.49 -15.07 -12.95
CA GLY A 42 42.63 -14.22 -11.76
C GLY A 42 41.36 -14.21 -10.95
N ASP A 43 41.40 -13.49 -9.82
CA ASP A 43 40.23 -13.29 -8.92
C ASP A 43 39.29 -12.26 -9.54
N HIS A 44 38.11 -12.06 -8.94
CA HIS A 44 37.09 -11.14 -9.53
C HIS A 44 37.64 -9.72 -9.68
N SER A 45 38.40 -9.23 -8.69
CA SER A 45 38.95 -7.85 -8.75
C SER A 45 39.92 -7.71 -9.94
N THR A 46 40.76 -8.72 -10.16
CA THR A 46 41.77 -8.75 -11.25
C THR A 46 41.11 -9.08 -12.58
N GLN A 47 40.24 -10.08 -12.56
CA GLN A 47 39.57 -10.60 -13.78
C GLN A 47 38.55 -9.57 -14.29
N GLY A 48 37.93 -8.81 -13.38
CA GLY A 48 37.03 -7.68 -13.71
C GLY A 48 37.75 -6.56 -14.42
N ALA A 49 38.98 -6.26 -13.98
CA ALA A 49 39.87 -5.22 -14.56
C ALA A 49 40.21 -5.57 -16.02
N ARG A 50 40.54 -6.85 -16.28
CA ARG A 50 40.94 -7.35 -17.63
C ARG A 50 39.74 -7.28 -18.59
N PHE A 51 38.54 -7.60 -18.12
CA PHE A 51 37.29 -7.65 -18.94
C PHE A 51 36.98 -6.27 -19.54
N LEU A 52 37.03 -5.22 -18.71
CA LEU A 52 36.62 -3.85 -19.11
C LEU A 52 37.70 -3.20 -19.98
N ARG A 53 38.98 -3.45 -19.70
CA ARG A 53 40.12 -2.97 -20.53
C ARG A 53 40.02 -3.58 -21.93
N ASP A 54 39.79 -4.90 -22.00
CA ASP A 54 39.63 -5.65 -23.27
C ASP A 54 38.40 -5.11 -24.02
N LEU A 55 37.33 -4.77 -23.30
CA LEU A 55 36.09 -4.16 -23.86
C LEU A 55 36.36 -2.71 -24.29
N ALA A 56 37.14 -1.96 -23.49
CA ALA A 56 37.51 -0.55 -23.75
C ALA A 56 38.17 -0.42 -25.12
N GLU A 57 39.15 -1.29 -25.40
CA GLU A 57 39.91 -1.33 -26.69
C GLU A 57 38.95 -1.70 -27.82
N ASN A 58 38.11 -2.72 -27.62
CA ASN A 58 37.03 -3.11 -28.57
C ASN A 58 36.02 -1.95 -28.63
N THR A 59 35.52 -1.63 -29.83
CA THR A 59 34.68 -0.43 -30.12
C THR A 59 35.55 0.83 -30.01
N GLY A 60 36.28 0.99 -28.90
CA GLY A 60 37.32 2.01 -28.71
C GLY A 60 36.86 3.17 -27.84
N ARG A 61 36.27 2.85 -26.69
CA ARG A 61 35.77 3.83 -25.68
C ARG A 61 36.61 3.69 -24.41
N ALA A 62 37.53 4.63 -24.19
CA ALA A 62 38.59 4.58 -23.15
C ALA A 62 38.00 4.74 -21.75
N GLU A 63 36.74 5.20 -21.65
CA GLU A 63 36.01 5.39 -20.37
C GLU A 63 35.96 4.05 -19.61
N TYR A 64 35.88 2.92 -20.33
CA TYR A 64 35.81 1.55 -19.76
C TYR A 64 37.16 1.19 -19.11
N GLU A 65 38.29 1.68 -19.66
CA GLU A 65 39.64 1.48 -19.06
C GLU A 65 39.77 2.37 -17.82
N LEU A 66 39.08 3.51 -17.78
CA LEU A 66 38.97 4.38 -16.58
C LEU A 66 38.14 3.65 -15.51
N LEU A 67 37.11 2.92 -15.92
CA LEU A 67 36.13 2.24 -15.03
C LEU A 67 36.66 0.88 -14.56
N SER A 68 37.74 0.36 -15.16
CA SER A 68 38.36 -0.94 -14.83
C SER A 68 39.15 -0.84 -13.51
N LEU A 69 39.51 0.38 -13.10
CA LEU A 69 40.35 0.66 -11.89
C LEU A 69 39.59 0.31 -10.60
N PHE A 70 38.27 0.18 -10.68
CA PHE A 70 37.36 0.01 -9.51
C PHE A 70 37.43 -1.43 -8.97
N SER A 71 37.53 -2.43 -9.86
CA SER A 71 37.55 -3.87 -9.50
C SER A 71 38.86 -4.23 -8.79
N GLU A 72 39.87 -3.35 -8.81
CA GLU A 72 41.16 -3.52 -8.09
C GLU A 72 41.18 -2.61 -6.84
N ASN A 81 49.12 0.55 0.29
CA ASN A 81 50.18 1.60 0.32
C ASN A 81 49.92 2.65 -0.78
N ASP A 82 49.19 2.26 -1.84
CA ASP A 82 48.62 3.17 -2.88
C ASP A 82 49.67 3.55 -3.93
N GLU A 83 50.84 2.91 -3.90
CA GLU A 83 52.02 3.31 -4.72
C GLU A 83 51.78 2.94 -6.19
N LEU A 84 51.48 1.66 -6.47
CA LEU A 84 51.19 1.13 -7.83
C LEU A 84 50.02 1.90 -8.47
N MET A 85 48.92 2.07 -7.73
CA MET A 85 47.62 2.57 -8.25
C MET A 85 47.75 4.02 -8.71
N ILE A 86 48.45 4.87 -7.97
CA ILE A 86 48.67 6.32 -8.31
C ILE A 86 49.28 6.40 -9.72
N ARG A 87 50.17 5.47 -10.06
CA ARG A 87 50.89 5.41 -11.37
C ARG A 87 49.96 4.89 -12.47
N ARG A 88 49.13 3.88 -12.18
CA ARG A 88 48.15 3.32 -13.15
C ARG A 88 47.07 4.36 -13.48
N ILE A 89 46.73 5.22 -12.51
CA ILE A 89 45.84 6.40 -12.72
C ILE A 89 46.55 7.41 -13.63
N LYS A 90 47.84 7.66 -13.36
CA LYS A 90 48.67 8.67 -14.06
C LYS A 90 48.84 8.29 -15.53
N GLU A 91 49.08 7.00 -15.82
CA GLU A 91 49.25 6.45 -17.19
C GLU A 91 47.98 6.73 -18.00
N LEU A 92 46.80 6.60 -17.38
CA LEU A 92 45.50 7.03 -17.95
C LEU A 92 45.32 8.53 -17.67
N SER A 93 45.91 9.38 -18.53
CA SER A 93 45.92 10.86 -18.39
C SER A 93 44.55 11.36 -17.93
N PRO A 94 44.41 11.83 -16.67
CA PRO A 94 43.11 12.20 -16.13
C PRO A 94 42.54 13.50 -16.74
N GLU A 95 43.42 14.44 -17.13
CA GLU A 95 43.09 15.68 -17.89
C GLU A 95 42.08 15.35 -19.00
N ARG A 96 42.35 14.27 -19.73
CA ARG A 96 41.56 13.77 -20.90
C ARG A 96 40.06 13.87 -20.65
N PHE A 97 39.59 13.32 -19.52
CA PHE A 97 38.14 13.22 -19.15
C PHE A 97 37.75 14.42 -18.27
N GLY A 98 38.58 15.46 -18.24
CA GLY A 98 38.39 16.66 -17.40
C GLY A 98 38.29 16.31 -15.92
N LEU A 99 39.07 15.32 -15.46
CA LEU A 99 39.15 14.88 -14.05
C LEU A 99 40.55 15.14 -13.52
N THR A 100 40.67 15.48 -12.23
CA THR A 100 41.95 15.56 -11.48
C THR A 100 42.38 14.14 -11.12
N MET A 101 43.68 13.91 -10.92
CA MET A 101 44.23 12.63 -10.42
C MET A 101 43.65 12.38 -9.01
N GLU A 102 43.77 13.37 -8.13
CA GLU A 102 43.30 13.37 -6.72
C GLU A 102 41.78 13.11 -6.65
N ASP A 103 41.01 13.50 -7.68
CA ASP A 103 39.56 13.20 -7.78
C ASP A 103 39.35 11.69 -7.87
N VAL A 104 39.98 11.04 -8.86
CA VAL A 104 39.84 9.59 -9.17
C VAL A 104 40.21 8.77 -7.93
N LEU A 105 41.23 9.17 -7.16
CA LEU A 105 41.71 8.44 -5.96
C LEU A 105 40.58 8.35 -4.91
N ASN A 106 39.78 9.41 -4.75
CA ASN A 106 38.60 9.42 -3.85
C ASN A 106 37.51 8.53 -4.46
N ALA A 107 37.15 8.76 -5.72
CA ALA A 107 36.20 7.94 -6.51
C ALA A 107 36.43 6.47 -6.22
N LEU A 108 37.69 6.04 -6.20
CA LEU A 108 38.12 4.64 -5.92
C LEU A 108 37.86 4.30 -4.45
N TRP A 109 38.49 5.04 -3.52
CA TRP A 109 38.38 4.83 -2.05
C TRP A 109 36.90 4.88 -1.61
N ILE A 110 36.14 5.84 -2.14
CA ILE A 110 34.68 6.03 -1.86
C ILE A 110 33.94 4.73 -2.21
N VAL A 111 34.12 4.24 -3.45
CA VAL A 111 33.44 3.01 -3.98
C VAL A 111 33.86 1.79 -3.15
N TYR A 112 35.10 1.75 -2.66
CA TYR A 112 35.64 0.64 -1.83
C TYR A 112 34.86 0.54 -0.52
N GLU A 113 34.57 1.68 0.12
CA GLU A 113 33.79 1.76 1.38
C GLU A 113 32.34 1.37 1.10
N ALA A 114 31.76 1.89 0.00
CA ALA A 114 30.38 1.62 -0.46
C ALA A 114 30.13 0.11 -0.58
N ASP A 115 31.08 -0.60 -1.21
CA ASP A 115 31.02 -2.08 -1.45
C ASP A 115 30.86 -2.83 -0.13
N ASN A 116 31.41 -2.27 0.96
CA ASN A 116 31.45 -2.90 2.30
C ASN A 116 30.14 -2.64 3.07
N LEU A 117 29.49 -1.49 2.83
CA LEU A 117 28.29 -1.03 3.58
C LEU A 117 27.04 -1.73 3.04
N ALA A 118 26.94 -1.88 1.72
CA ALA A 118 25.83 -2.58 1.02
C ALA A 118 25.87 -4.09 1.33
N SER A 119 27.00 -4.59 1.86
CA SER A 119 27.18 -6.00 2.32
C SER A 119 26.41 -6.20 3.63
N PRO A 127 32.86 -20.63 -0.30
CA PRO A 127 32.55 -19.97 -1.57
C PRO A 127 33.08 -20.72 -2.80
N GLN A 128 32.22 -21.53 -3.44
CA GLN A 128 32.45 -22.13 -4.79
C GLN A 128 32.18 -21.04 -5.84
N ALA A 129 32.12 -21.42 -7.12
CA ALA A 129 31.74 -20.53 -8.25
C ALA A 129 30.68 -21.20 -9.13
N SER A 130 29.97 -22.20 -8.58
CA SER A 130 28.86 -22.93 -9.23
C SER A 130 27.52 -22.64 -8.53
N ARG A 131 27.58 -22.01 -7.34
CA ARG A 131 26.41 -21.75 -6.45
C ARG A 131 25.43 -20.81 -7.14
N PRO A 132 24.10 -21.11 -7.09
CA PRO A 132 23.08 -20.19 -7.61
C PRO A 132 22.65 -19.17 -6.56
N LEU A 133 21.81 -18.21 -6.96
CA LEU A 133 21.16 -17.24 -6.04
C LEU A 133 20.06 -17.98 -5.26
N TYR A 134 20.13 -17.96 -3.93
CA TYR A 134 19.11 -18.54 -3.02
C TYR A 134 18.01 -17.49 -2.79
N SER A 135 16.76 -17.93 -2.76
CA SER A 135 15.55 -17.06 -2.71
C SER A 135 15.51 -16.29 -1.39
N VAL A 136 15.33 -14.96 -1.48
CA VAL A 136 15.17 -14.02 -0.33
C VAL A 136 13.95 -14.42 0.50
N PHE A 137 12.96 -15.09 -0.12
CA PHE A 137 11.69 -15.52 0.51
C PHE A 137 11.91 -16.82 1.29
N ASN A 138 12.58 -17.80 0.69
CA ASN A 138 12.94 -19.10 1.31
C ASN A 138 14.41 -19.40 1.02
N PRO A 139 15.34 -19.00 1.92
CA PRO A 139 16.77 -19.19 1.69
C PRO A 139 17.19 -20.66 1.53
N GLY A 140 16.32 -21.61 1.85
CA GLY A 140 16.52 -23.05 1.63
C GLY A 140 16.52 -23.41 0.15
N LYS A 141 15.68 -22.75 -0.66
CA LYS A 141 15.52 -22.99 -2.12
C LYS A 141 16.37 -21.98 -2.91
N ALA A 142 16.60 -22.26 -4.19
CA ALA A 142 17.51 -21.50 -5.08
C ALA A 142 16.83 -21.25 -6.43
N TYR A 143 17.34 -20.25 -7.17
CA TYR A 143 16.81 -19.82 -8.49
C TYR A 143 17.60 -20.51 -9.59
N PRO A 144 16.93 -21.13 -10.59
CA PRO A 144 17.61 -21.64 -11.78
C PRO A 144 18.14 -20.45 -12.59
N TRP A 145 19.40 -20.49 -13.02
CA TRP A 145 19.97 -19.41 -13.87
C TRP A 145 19.05 -19.18 -15.07
N ALA A 146 18.51 -17.97 -15.18
CA ALA A 146 17.71 -17.46 -16.31
C ALA A 146 17.80 -15.93 -16.27
N GLU A 147 17.46 -15.25 -17.36
CA GLU A 147 17.51 -13.76 -17.43
C GLU A 147 16.10 -13.22 -17.19
N LEU A 148 15.99 -12.09 -16.49
CA LEU A 148 14.71 -11.40 -16.17
C LEU A 148 13.93 -11.19 -17.48
N ASP A 149 12.86 -11.97 -17.68
CA ASP A 149 11.90 -11.80 -18.81
C ASP A 149 10.52 -12.27 -18.34
N PHE A 150 9.58 -11.33 -18.21
CA PHE A 150 8.20 -11.57 -17.69
C PHE A 150 7.38 -12.39 -18.71
N GLU A 151 7.81 -12.33 -19.96
CA GLU A 151 7.15 -13.07 -21.07
C GLU A 151 7.40 -14.58 -20.95
N LYS A 152 8.63 -14.96 -20.60
CA LYS A 152 8.95 -16.39 -20.52
C LYS A 152 9.23 -16.86 -19.10
N GLU A 153 8.39 -17.77 -18.62
CA GLU A 153 8.57 -18.54 -17.36
C GLU A 153 8.42 -17.69 -16.09
N LEU A 154 8.09 -18.35 -14.98
CA LEU A 154 7.89 -17.69 -13.68
C LEU A 154 8.99 -18.15 -12.73
N PRO A 155 9.74 -17.21 -12.13
CA PRO A 155 10.81 -17.57 -11.20
C PRO A 155 10.27 -18.30 -9.96
N VAL A 156 10.50 -19.62 -9.90
CA VAL A 156 10.11 -20.51 -8.77
C VAL A 156 11.38 -20.95 -8.05
N PRO A 157 11.62 -20.49 -6.79
CA PRO A 157 12.63 -21.11 -5.94
C PRO A 157 12.37 -22.61 -5.80
N GLY A 158 13.35 -23.43 -6.22
CA GLY A 158 13.26 -24.91 -6.22
C GLY A 158 14.49 -25.55 -5.64
N ASP A 159 14.84 -26.75 -6.12
CA ASP A 159 16.00 -27.55 -5.64
C ASP A 159 17.30 -26.86 -6.06
N VAL A 160 18.33 -26.95 -5.20
CA VAL A 160 19.65 -26.29 -5.39
C VAL A 160 20.42 -27.04 -6.49
N PHE A 161 20.64 -26.40 -7.64
CA PHE A 161 21.45 -26.90 -8.77
C PHE A 161 22.65 -25.97 -8.99
N SER A 162 23.83 -26.54 -9.23
CA SER A 162 25.05 -25.81 -9.69
C SER A 162 24.77 -25.21 -11.07
N ILE A 163 25.18 -23.96 -11.30
CA ILE A 163 25.11 -23.29 -12.62
C ILE A 163 26.44 -23.55 -13.34
N ARG A 164 26.36 -24.02 -14.59
CA ARG A 164 27.54 -24.41 -15.41
C ARG A 164 28.35 -23.15 -15.76
N SER A 165 29.67 -23.29 -15.89
CA SER A 165 30.60 -22.20 -16.32
C SER A 165 30.37 -21.89 -17.81
N GLN A 166 29.54 -22.68 -18.51
CA GLN A 166 29.04 -22.40 -19.89
C GLN A 166 28.05 -21.24 -19.84
N ASP A 167 27.00 -21.40 -19.02
CA ASP A 167 25.87 -20.44 -18.86
C ASP A 167 26.43 -19.06 -18.53
N TYR A 168 27.46 -19.00 -17.68
CA TYR A 168 28.18 -17.77 -17.27
C TYR A 168 28.93 -17.15 -18.46
N ARG A 169 29.47 -17.99 -19.35
CA ARG A 169 30.20 -17.54 -20.56
C ARG A 169 29.20 -16.97 -21.59
N GLU A 170 28.06 -17.65 -21.78
CA GLU A 170 26.95 -17.18 -22.66
C GLU A 170 26.40 -15.86 -22.08
N LEU A 171 26.38 -15.74 -20.75
CA LEU A 171 26.00 -14.50 -20.02
C LEU A 171 26.99 -13.38 -20.35
N VAL A 172 28.29 -13.61 -20.08
CA VAL A 172 29.38 -12.60 -20.15
C VAL A 172 29.53 -12.06 -21.59
N LYS A 173 29.06 -12.81 -22.61
CA LYS A 173 29.21 -12.42 -24.04
C LYS A 173 28.06 -11.49 -24.46
N ARG A 174 26.81 -11.86 -24.18
CA ARG A 174 25.62 -10.98 -24.40
C ARG A 174 25.81 -9.71 -23.57
N LEU A 175 26.28 -9.87 -22.34
CA LEU A 175 26.67 -8.78 -21.39
C LEU A 175 27.74 -7.89 -22.04
N TRP A 176 28.71 -8.50 -22.72
CA TRP A 176 29.81 -7.82 -23.47
C TRP A 176 29.24 -7.09 -24.70
N GLU A 177 28.30 -7.72 -25.42
CA GLU A 177 27.67 -7.18 -26.66
C GLU A 177 26.83 -5.94 -26.33
N GLU A 178 26.24 -5.90 -25.13
CA GLU A 178 25.26 -4.86 -24.70
C GLU A 178 26.01 -3.62 -24.18
N LEU A 179 27.07 -3.83 -23.37
CA LEU A 179 27.95 -2.75 -22.87
C LEU A 179 28.67 -2.08 -24.04
N SER A 180 28.89 -2.82 -25.13
CA SER A 180 29.50 -2.31 -26.40
C SER A 180 28.63 -1.21 -27.00
N LYS A 181 27.30 -1.34 -26.93
CA LYS A 181 26.31 -0.46 -27.62
C LYS A 181 25.73 0.59 -26.65
N ALA A 182 25.83 0.37 -25.33
CA ALA A 182 25.25 1.24 -24.29
C ALA A 182 25.98 2.59 -24.26
N LYS A 183 25.29 3.65 -23.83
CA LYS A 183 25.75 5.07 -23.91
C LYS A 183 26.60 5.45 -22.69
N LEU A 184 26.81 4.51 -21.75
CA LEU A 184 27.77 4.64 -20.62
C LEU A 184 27.28 5.66 -19.58
N ARG A 185 25.99 6.02 -19.59
CA ARG A 185 25.32 6.71 -18.46
C ARG A 185 24.69 5.65 -17.56
N SER A 186 24.50 5.97 -16.28
CA SER A 186 23.96 5.05 -15.23
C SER A 186 22.61 4.46 -15.69
N ASP A 187 21.80 5.24 -16.41
CA ASP A 187 20.42 4.86 -16.81
C ASP A 187 20.41 3.96 -18.05
N ARG A 188 21.53 3.87 -18.78
CA ARG A 188 21.71 2.94 -19.94
C ARG A 188 22.44 1.67 -19.46
N LEU A 189 23.20 1.78 -18.37
CA LEU A 189 23.99 0.66 -17.78
C LEU A 189 23.10 -0.17 -16.85
N LEU A 190 22.38 0.47 -15.93
CA LEU A 190 21.45 -0.18 -14.97
C LEU A 190 20.61 -1.24 -15.68
N PRO A 191 19.82 -0.86 -16.72
CA PRO A 191 18.91 -1.81 -17.36
C PRO A 191 19.56 -3.12 -17.87
N VAL A 192 20.78 -3.04 -18.43
CA VAL A 192 21.48 -4.23 -19.02
C VAL A 192 22.12 -5.04 -17.88
N LEU A 193 22.54 -4.39 -16.78
CA LEU A 193 23.01 -5.08 -15.55
C LEU A 193 21.82 -5.77 -14.88
N GLU A 194 20.61 -5.22 -15.03
CA GLU A 194 19.35 -5.77 -14.43
C GLU A 194 18.88 -6.99 -15.24
N LYS A 195 18.91 -6.90 -16.57
CA LYS A 195 18.38 -7.94 -17.50
C LYS A 195 19.13 -9.26 -17.28
N TYR A 196 20.46 -9.19 -17.09
CA TYR A 196 21.39 -10.34 -17.16
C TYR A 196 21.87 -10.78 -15.77
N LEU A 197 22.12 -9.85 -14.83
CA LEU A 197 22.73 -10.18 -13.51
C LEU A 197 21.68 -10.20 -12.39
N THR A 198 20.40 -10.35 -12.71
CA THR A 198 19.28 -10.35 -11.74
C THR A 198 19.25 -11.68 -10.96
N PHE A 199 19.46 -12.80 -11.66
CA PHE A 199 19.43 -14.17 -11.07
C PHE A 199 20.85 -14.71 -10.92
N VAL A 200 21.72 -13.92 -10.28
CA VAL A 200 23.15 -14.25 -10.00
C VAL A 200 23.44 -13.95 -8.53
N SER A 201 24.11 -14.87 -7.83
CA SER A 201 24.51 -14.74 -6.41
C SER A 201 25.66 -13.72 -6.31
N SER A 202 25.42 -12.57 -5.65
CA SER A 202 26.39 -11.47 -5.48
C SER A 202 27.64 -11.99 -4.76
N VAL A 203 27.45 -12.90 -3.80
CA VAL A 203 28.51 -13.77 -3.21
C VAL A 203 28.01 -15.21 -3.27
N THR A 204 28.91 -16.16 -3.59
CA THR A 204 28.58 -17.59 -3.85
C THR A 204 28.70 -18.41 -2.56
N SER A 205 28.28 -17.83 -1.43
CA SER A 205 28.13 -18.54 -0.12
C SER A 205 26.77 -19.24 -0.10
N GLU A 206 26.60 -20.23 0.79
CA GLU A 206 25.34 -21.01 0.94
C GLU A 206 24.32 -20.15 1.69
N GLY A 207 23.08 -20.09 1.17
CA GLY A 207 21.98 -19.29 1.72
C GLY A 207 22.16 -17.81 1.44
N ASN A 208 22.87 -17.45 0.36
CA ASN A 208 23.06 -16.04 -0.07
C ASN A 208 21.80 -15.58 -0.81
N ILE A 209 21.27 -14.44 -0.37
CA ILE A 209 19.88 -13.95 -0.63
C ILE A 209 19.91 -12.83 -1.68
N ILE A 210 21.07 -12.19 -1.86
CA ILE A 210 21.24 -10.87 -2.53
C ILE A 210 21.53 -11.08 -4.02
N SER A 211 20.71 -10.49 -4.89
CA SER A 211 20.95 -10.37 -6.35
C SER A 211 22.15 -9.45 -6.59
N LEU A 212 22.99 -9.75 -7.58
CA LEU A 212 24.21 -8.98 -7.91
C LEU A 212 23.79 -7.55 -8.31
N TYR A 213 22.85 -7.42 -9.26
CA TYR A 213 22.28 -6.12 -9.73
C TYR A 213 22.01 -5.20 -8.53
N ASP A 214 21.38 -5.76 -7.49
CA ASP A 214 20.94 -5.01 -6.28
C ASP A 214 22.16 -4.55 -5.49
N HIS A 215 23.16 -5.40 -5.29
CA HIS A 215 24.44 -5.04 -4.63
C HIS A 215 25.14 -3.94 -5.43
N MET A 216 25.04 -4.00 -6.77
CA MET A 216 25.71 -3.05 -7.70
C MET A 216 25.02 -1.68 -7.63
N ARG A 217 23.69 -1.63 -7.75
CA ARG A 217 22.90 -0.37 -7.74
C ARG A 217 22.99 0.29 -6.36
N MET A 218 23.09 -0.50 -5.29
CA MET A 218 23.13 0.01 -3.89
C MET A 218 24.51 0.60 -3.59
N THR A 219 25.60 0.01 -4.08
CA THR A 219 26.98 0.51 -3.93
C THR A 219 27.13 1.82 -4.71
N SER A 220 26.55 1.89 -5.91
CA SER A 220 26.47 3.11 -6.76
C SER A 220 25.69 4.20 -6.02
N ALA A 221 24.57 3.81 -5.39
CA ALA A 221 23.70 4.70 -4.58
C ALA A 221 24.49 5.27 -3.40
N ILE A 222 25.13 4.38 -2.62
CA ILE A 222 25.86 4.73 -1.36
C ILE A 222 27.12 5.54 -1.72
N ALA A 223 27.85 5.15 -2.77
CA ALA A 223 29.09 5.80 -3.24
C ALA A 223 28.79 7.25 -3.64
N LEU A 224 27.79 7.46 -4.50
CA LEU A 224 27.39 8.80 -5.02
C LEU A 224 26.89 9.67 -3.87
N ALA A 225 26.22 9.07 -2.87
CA ALA A 225 25.73 9.76 -1.65
C ALA A 225 26.92 10.30 -0.86
N MET A 226 27.94 9.47 -0.62
CA MET A 226 29.20 9.84 0.09
C MET A 226 29.86 11.03 -0.63
N LEU A 227 29.92 10.98 -1.96
CA LEU A 227 30.52 12.04 -2.81
C LEU A 227 29.80 13.37 -2.55
N ARG A 228 28.48 13.39 -2.72
CA ARG A 228 27.62 14.60 -2.55
C ARG A 228 27.74 15.12 -1.11
N ALA A 229 27.96 14.22 -0.14
CA ALA A 229 28.13 14.54 1.30
C ALA A 229 29.44 15.28 1.54
N GLY A 230 30.35 15.32 0.54
CA GLY A 230 31.55 16.16 0.52
C GLY A 230 32.69 15.57 1.35
N CYS A 231 32.64 14.26 1.63
CA CYS A 231 33.69 13.53 2.40
C CYS A 231 34.63 12.82 1.43
N THR A 232 35.93 12.76 1.75
CA THR A 232 36.92 12.17 0.82
C THR A 232 38.16 11.72 1.59
N ALA A 233 38.82 10.65 1.14
CA ALA A 233 40.03 10.11 1.78
C ALA A 233 39.77 9.86 3.27
N GLU A 234 38.63 9.23 3.60
CA GLU A 234 38.23 9.01 5.01
C GLU A 234 38.36 7.53 5.36
N ASP A 235 39.08 7.27 6.47
CA ASP A 235 39.33 5.91 7.03
C ASP A 235 40.03 6.08 8.38
N ARG A 240 35.50 8.31 8.59
CA ARG A 240 34.73 9.57 8.81
C ARG A 240 33.28 9.38 8.34
N CYS A 241 33.07 9.21 7.02
CA CYS A 241 31.74 9.04 6.38
C CYS A 241 31.03 7.81 6.97
N ARG A 242 31.81 6.80 7.36
CA ARG A 242 31.33 5.52 7.95
C ARG A 242 30.63 5.77 9.29
N LYS A 243 31.29 6.43 10.23
CA LYS A 243 30.85 6.57 11.65
C LYS A 243 30.33 7.99 11.92
N GLU A 244 30.01 8.76 10.88
CA GLU A 244 29.39 10.11 10.97
C GLU A 244 28.17 10.16 10.04
N LYS A 245 27.11 10.83 10.47
CA LYS A 245 25.78 10.85 9.79
C LYS A 245 25.87 11.70 8.51
N ARG A 246 26.44 11.13 7.45
CA ARG A 246 26.68 11.79 6.14
C ARG A 246 25.67 11.30 5.09
N PHE A 247 24.76 10.39 5.46
CA PHE A 247 23.70 9.83 4.59
C PHE A 247 22.32 10.30 5.06
N LEU A 248 21.32 10.16 4.18
CA LEU A 248 19.88 10.37 4.46
C LEU A 248 19.06 9.21 3.90
N LEU A 249 18.30 8.51 4.75
CA LEU A 249 17.15 7.67 4.33
C LEU A 249 15.96 8.59 4.07
N ILE A 250 15.32 8.48 2.91
CA ILE A 250 14.20 9.37 2.45
C ILE A 250 13.02 8.48 2.04
N GLU A 251 12.14 8.15 2.99
CA GLU A 251 10.91 7.35 2.74
C GLU A 251 9.76 8.32 2.47
N GLY A 252 9.17 8.25 1.27
CA GLY A 252 7.96 8.99 0.88
C GLY A 252 6.77 8.05 0.73
N ASP A 253 5.65 8.38 1.37
CA ASP A 253 4.43 7.52 1.41
C ASP A 253 3.20 8.39 1.15
N PHE A 254 2.34 7.97 0.21
CA PHE A 254 1.04 8.60 -0.13
C PHE A 254 -0.04 8.06 0.82
N SER A 255 -0.88 8.95 1.39
CA SER A 255 -2.01 8.60 2.28
C SER A 255 -3.33 8.92 1.58
N GLY A 256 -4.25 7.94 1.54
CA GLY A 256 -5.58 8.07 0.91
C GLY A 256 -5.54 7.76 -0.57
N ILE A 257 -4.81 6.69 -0.95
CA ILE A 257 -4.63 6.22 -2.36
C ILE A 257 -5.98 5.75 -2.90
N GLN A 258 -6.70 4.92 -2.14
CA GLN A 258 -8.01 4.33 -2.54
C GLN A 258 -9.10 5.40 -2.49
N ASP A 259 -8.97 6.40 -1.61
CA ASP A 259 -9.89 7.56 -1.52
C ASP A 259 -9.69 8.48 -2.73
N PHE A 260 -8.58 8.33 -3.46
CA PHE A 260 -8.24 9.08 -4.69
C PHE A 260 -8.68 8.27 -5.93
N ILE A 261 -8.18 7.04 -6.08
CA ILE A 261 -8.46 6.16 -7.26
C ILE A 261 -9.97 5.91 -7.36
N TYR A 262 -10.53 5.14 -6.41
CA TYR A 262 -11.98 4.82 -6.33
C TYR A 262 -12.70 6.06 -5.77
N ARG A 263 -14.00 5.95 -5.51
CA ARG A 263 -14.89 7.10 -5.17
C ARG A 263 -14.92 8.04 -6.38
N VAL A 264 -15.50 7.55 -7.48
CA VAL A 264 -15.75 8.26 -8.76
C VAL A 264 -17.26 8.33 -8.99
N SER A 265 -17.74 9.35 -9.71
CA SER A 265 -19.17 9.63 -10.03
C SER A 265 -20.02 8.37 -9.84
N THR A 269 -16.80 5.10 -15.13
CA THR A 269 -16.36 4.18 -16.22
C THR A 269 -14.97 3.62 -15.87
N LEU A 270 -14.60 2.48 -16.47
CA LEU A 270 -13.36 1.72 -16.14
C LEU A 270 -12.14 2.37 -16.82
N LYS A 271 -12.26 2.76 -18.10
CA LYS A 271 -11.23 3.49 -18.88
C LYS A 271 -10.65 4.63 -18.04
N TYR A 272 -11.52 5.38 -17.37
CA TYR A 272 -11.21 6.54 -16.50
C TYR A 272 -10.45 6.05 -15.25
N LEU A 273 -11.07 5.11 -14.53
CA LEU A 273 -10.58 4.50 -13.26
C LEU A 273 -9.14 3.98 -13.44
N ARG A 274 -8.81 3.48 -14.63
CA ARG A 274 -7.45 2.99 -14.98
C ARG A 274 -6.49 4.18 -15.10
N ALA A 275 -6.92 5.27 -15.74
CA ALA A 275 -6.15 6.51 -15.93
C ALA A 275 -5.92 7.18 -14.57
N ARG A 276 -6.88 7.09 -13.65
CA ARG A 276 -6.72 7.51 -12.23
C ARG A 276 -5.51 6.79 -11.64
N SER A 277 -5.55 5.46 -11.68
CA SER A 277 -4.48 4.54 -11.18
C SER A 277 -3.15 4.84 -11.90
N ALA A 278 -3.21 5.11 -13.21
CA ALA A 278 -2.04 5.43 -14.05
C ALA A 278 -1.51 6.84 -13.73
N TYR A 279 -2.40 7.77 -13.38
CA TYR A 279 -2.08 9.18 -13.05
C TYR A 279 -1.37 9.24 -11.68
N LEU A 280 -1.77 8.39 -10.73
CA LEU A 280 -1.11 8.26 -9.40
C LEU A 280 0.35 7.86 -9.59
N GLU A 281 0.64 6.98 -10.56
CA GLU A 281 2.01 6.45 -10.84
C GLU A 281 2.92 7.58 -11.31
N LEU A 282 2.45 8.40 -12.26
CA LEU A 282 3.24 9.52 -12.86
C LEU A 282 3.52 10.60 -11.81
N ILE A 283 2.53 10.91 -10.94
CA ILE A 283 2.66 11.90 -9.84
C ILE A 283 3.85 11.50 -8.95
N GLY A 284 3.85 10.25 -8.47
CA GLY A 284 4.92 9.68 -7.64
C GLY A 284 6.27 9.78 -8.35
N TRP A 285 6.31 9.42 -9.63
CA TRP A 285 7.54 9.46 -10.47
C TRP A 285 8.02 10.90 -10.64
N ASP A 286 7.08 11.84 -10.82
CA ASP A 286 7.38 13.30 -10.98
C ASP A 286 8.09 13.80 -9.72
N VAL A 287 7.68 13.32 -8.54
CA VAL A 287 8.28 13.68 -7.22
C VAL A 287 9.66 13.02 -7.09
N VAL A 288 9.76 11.72 -7.36
CA VAL A 288 11.02 10.93 -7.19
C VAL A 288 12.10 11.51 -8.12
N LEU A 289 11.80 11.62 -9.42
CA LEU A 289 12.75 12.12 -10.45
C LEU A 289 13.16 13.56 -10.13
N GLU A 290 12.26 14.36 -9.55
CA GLU A 290 12.56 15.74 -9.07
C GLU A 290 13.59 15.67 -7.94
N ILE A 291 13.39 14.78 -6.97
CA ILE A 291 14.32 14.58 -5.81
C ILE A 291 15.69 14.18 -6.35
N LEU A 292 15.73 13.22 -7.29
CA LEU A 292 16.98 12.72 -7.91
C LEU A 292 17.70 13.86 -8.65
N SER A 293 16.94 14.71 -9.35
CA SER A 293 17.46 15.85 -10.14
C SER A 293 18.09 16.91 -9.23
N ARG A 294 17.32 17.40 -8.23
CA ARG A 294 17.73 18.55 -7.37
C ARG A 294 18.83 18.13 -6.38
N LEU A 295 18.86 16.87 -5.96
CA LEU A 295 19.93 16.32 -5.07
C LEU A 295 21.13 15.85 -5.92
N GLY A 296 20.96 15.77 -7.24
CA GLY A 296 22.01 15.38 -8.19
C GLY A 296 22.36 13.90 -8.09
N LEU A 297 21.36 13.06 -7.81
CA LEU A 297 21.50 11.59 -7.66
C LEU A 297 21.01 10.89 -8.95
N THR A 298 21.07 9.56 -8.97
CA THR A 298 20.66 8.68 -10.10
C THR A 298 19.60 7.69 -9.61
N ARG A 299 18.96 6.97 -10.55
CA ARG A 299 17.85 6.01 -10.25
C ARG A 299 18.35 4.87 -9.36
N ALA A 300 19.67 4.61 -9.35
CA ALA A 300 20.32 3.63 -8.45
C ALA A 300 20.01 3.95 -6.99
N ASN A 301 19.82 5.24 -6.66
CA ASN A 301 19.52 5.73 -5.28
C ASN A 301 18.07 5.40 -4.89
N VAL A 302 17.22 5.03 -5.84
CA VAL A 302 15.82 4.55 -5.59
C VAL A 302 15.91 3.10 -5.13
N VAL A 303 15.91 2.87 -3.81
CA VAL A 303 15.89 1.51 -3.17
C VAL A 303 14.62 0.79 -3.66
N PHE A 304 13.48 1.48 -3.66
CA PHE A 304 12.20 1.02 -4.25
C PHE A 304 11.29 2.21 -4.54
N ASN A 305 10.24 1.98 -5.33
CA ASN A 305 9.15 2.95 -5.66
C ASN A 305 7.96 2.17 -6.22
N ALA A 306 7.08 1.68 -5.34
CA ALA A 306 5.92 0.83 -5.69
C ALA A 306 4.82 1.01 -4.64
N GLY A 307 3.56 0.84 -5.04
CA GLY A 307 2.37 1.02 -4.19
C GLY A 307 2.29 2.44 -3.64
N GLY A 308 2.84 3.42 -4.38
CA GLY A 308 3.01 4.81 -3.93
C GLY A 308 3.79 4.90 -2.62
N HIS A 309 4.82 4.05 -2.47
CA HIS A 309 5.79 4.05 -1.35
C HIS A 309 7.20 3.99 -1.94
N PHE A 310 8.02 5.02 -1.72
CA PHE A 310 9.39 5.13 -2.30
C PHE A 310 10.40 5.42 -1.19
N MET A 311 11.58 4.79 -1.27
CA MET A 311 12.75 5.03 -0.39
C MET A 311 13.94 5.46 -1.27
N ILE A 312 14.74 6.41 -0.78
CA ILE A 312 15.94 6.95 -1.49
C ILE A 312 17.07 7.14 -0.47
N ILE A 313 18.27 6.63 -0.80
CA ILE A 313 19.54 6.92 -0.08
C ILE A 313 20.16 8.18 -0.72
N ALA A 314 20.62 9.13 0.09
CA ALA A 314 21.13 10.44 -0.37
C ALA A 314 22.10 11.04 0.64
N GLN A 315 22.73 12.17 0.26
CA GLN A 315 23.68 12.95 1.07
C GLN A 315 22.94 13.69 2.19
N ASN A 316 23.64 14.04 3.27
CA ASN A 316 23.12 14.82 4.42
C ASN A 316 23.85 16.17 4.47
N THR A 317 23.98 16.79 3.31
CA THR A 317 24.48 18.18 3.24
C THR A 317 23.28 19.06 3.51
N PRO A 318 23.41 20.25 4.13
CA PRO A 318 22.23 21.08 4.33
C PRO A 318 21.57 21.41 2.99
N ASP A 319 22.33 21.70 1.94
CA ASP A 319 21.71 22.02 0.64
C ASP A 319 20.70 20.91 0.34
N ALA A 320 21.02 19.67 0.68
CA ALA A 320 20.08 18.56 0.39
C ALA A 320 18.76 18.75 1.15
N VAL A 321 18.81 18.88 2.47
CA VAL A 321 17.62 18.98 3.37
C VAL A 321 16.82 20.23 3.00
N LYS A 322 17.49 21.31 2.56
CA LYS A 322 16.85 22.55 2.03
C LYS A 322 16.11 22.21 0.72
N GLU A 323 16.80 21.55 -0.21
CA GLU A 323 16.23 21.10 -1.51
C GLU A 323 15.07 20.13 -1.24
N LEU A 324 15.18 19.28 -0.22
CA LEU A 324 14.12 18.33 0.20
C LEU A 324 12.92 19.10 0.76
N GLU A 325 13.16 20.05 1.68
CA GLU A 325 12.12 20.88 2.34
C GLU A 325 11.38 21.71 1.28
N GLU A 326 12.09 22.18 0.25
CA GLU A 326 11.51 22.93 -0.89
C GLU A 326 10.54 22.02 -1.66
N ILE A 327 11.02 20.85 -2.09
CA ILE A 327 10.25 19.86 -2.91
C ILE A 327 8.99 19.43 -2.13
N ARG A 328 9.17 18.85 -0.95
CA ARG A 328 8.10 18.32 -0.08
C ARG A 328 6.93 19.31 -0.03
N ALA A 329 7.22 20.58 0.27
CA ALA A 329 6.24 21.67 0.46
C ALA A 329 5.54 22.01 -0.86
N LYS A 330 6.32 22.22 -1.93
CA LYS A 330 5.80 22.61 -3.27
C LYS A 330 4.94 21.48 -3.85
N ALA A 331 5.25 20.22 -3.50
CA ALA A 331 4.50 19.02 -3.93
C ALA A 331 3.15 18.95 -3.21
N VAL A 332 3.16 19.07 -1.88
CA VAL A 332 1.93 19.06 -1.01
C VAL A 332 0.99 20.18 -1.46
N GLU A 333 1.52 21.39 -1.64
CA GLU A 333 0.75 22.59 -2.06
C GLU A 333 0.04 22.31 -3.40
N TRP A 334 0.71 21.63 -4.33
CA TRP A 334 0.13 21.24 -5.64
C TRP A 334 -1.00 20.22 -5.42
N LEU A 335 -0.75 19.19 -4.60
CA LEU A 335 -1.74 18.12 -4.28
C LEU A 335 -3.02 18.76 -3.72
N TYR A 336 -2.88 19.73 -2.82
CA TYR A 336 -4.00 20.42 -2.13
C TYR A 336 -4.83 21.21 -3.14
N ARG A 337 -4.17 22.03 -3.96
CA ARG A 337 -4.81 22.88 -5.01
C ARG A 337 -5.55 21.98 -6.02
N GLU A 338 -5.03 20.77 -6.28
CA GLU A 338 -5.44 19.90 -7.41
C GLU A 338 -6.55 18.94 -6.98
N PHE A 339 -6.55 18.47 -5.72
CA PHE A 339 -7.47 17.40 -5.24
C PHE A 339 -8.00 17.63 -3.82
N GLU A 340 -7.72 18.78 -3.18
CA GLU A 340 -8.11 19.08 -1.77
C GLU A 340 -7.36 18.11 -0.84
N SER A 341 -7.98 17.69 0.27
CA SER A 341 -7.35 16.83 1.32
C SER A 341 -7.56 15.34 1.00
N ASP A 342 -7.89 15.00 -0.25
CA ASP A 342 -8.13 13.60 -0.71
C ASP A 342 -6.80 12.84 -0.72
N LEU A 343 -5.82 13.31 -1.51
CA LEU A 343 -4.49 12.67 -1.68
C LEU A 343 -3.41 13.55 -1.05
N TYR A 344 -2.73 13.02 -0.03
CA TYR A 344 -1.59 13.65 0.68
C TYR A 344 -0.32 12.83 0.42
N LEU A 345 0.84 13.50 0.36
CA LEU A 345 2.17 12.86 0.24
C LEU A 345 3.00 13.18 1.50
N ALA A 346 3.14 12.18 2.39
CA ALA A 346 3.97 12.26 3.61
C ALA A 346 5.42 11.89 3.25
N ILE A 347 6.29 12.90 3.11
CA ILE A 347 7.75 12.72 2.85
C ILE A 347 8.52 13.07 4.12
N GLU A 348 9.34 12.13 4.60
CA GLU A 348 10.21 12.29 5.79
C GLU A 348 11.60 11.71 5.47
N TRP A 349 12.60 12.04 6.28
CA TRP A 349 14.01 11.62 6.11
C TRP A 349 14.74 11.66 7.45
N GLU A 350 15.75 10.80 7.63
CA GLU A 350 16.54 10.69 8.89
C GLU A 350 18.03 10.79 8.55
N PRO A 351 18.81 11.58 9.32
CA PRO A 351 20.27 11.51 9.26
C PRO A 351 20.78 10.14 9.75
N VAL A 352 21.54 9.45 8.89
CA VAL A 352 22.02 8.04 9.11
C VAL A 352 23.51 7.96 8.78
N SER A 353 24.23 7.09 9.48
CA SER A 353 25.70 6.83 9.30
C SER A 353 25.90 5.48 8.59
N GLY A 354 27.14 5.22 8.16
CA GLY A 354 27.55 3.96 7.50
C GLY A 354 27.34 2.75 8.40
N ARG A 355 27.59 2.91 9.71
CA ARG A 355 27.29 1.91 10.77
C ARG A 355 25.90 1.31 10.55
N GLU A 356 24.91 2.19 10.30
CA GLU A 356 23.46 1.88 10.35
C GLU A 356 22.98 1.23 9.04
N PHE A 357 23.85 1.09 8.04
CA PHE A 357 23.61 0.26 6.83
C PHE A 357 23.94 -1.21 7.13
N GLY A 358 24.47 -1.52 8.31
CA GLY A 358 24.98 -2.86 8.68
C GLY A 358 24.49 -3.33 10.04
N ARG A 359 24.85 -4.56 10.43
CA ARG A 359 24.42 -5.24 11.67
C ARG A 359 25.55 -5.19 12.71
N GLU A 360 25.18 -4.93 13.97
CA GLU A 360 26.09 -4.97 15.16
C GLU A 360 25.37 -5.71 16.30
N GLY A 361 25.61 -7.03 16.42
CA GLY A 361 24.98 -7.88 17.44
C GLY A 361 23.56 -8.24 17.09
N ASN A 364 20.80 -5.32 14.75
CA ASN A 364 20.26 -4.96 13.41
C ASN A 364 19.94 -3.47 13.39
N LEU A 365 20.93 -2.62 13.07
CA LEU A 365 20.82 -1.14 13.08
C LEU A 365 19.96 -0.65 11.92
N PHE A 366 19.99 -1.34 10.76
CA PHE A 366 19.34 -0.88 9.51
C PHE A 366 17.81 -0.87 9.68
N ALA A 367 17.25 -1.97 10.16
CA ALA A 367 15.82 -2.10 10.53
C ALA A 367 15.47 -1.03 11.57
N GLU A 368 16.37 -0.82 12.54
CA GLU A 368 16.26 0.19 13.64
C GLU A 368 16.14 1.60 13.05
N ALA A 369 16.91 1.91 11.99
CA ALA A 369 16.92 3.23 11.31
C ALA A 369 15.64 3.40 10.48
N ARG A 370 15.13 2.31 9.90
CA ARG A 370 13.86 2.28 9.12
C ARG A 370 12.67 2.42 10.08
N LYS A 371 12.76 1.83 11.28
CA LYS A 371 11.69 1.87 12.31
C LYS A 371 11.50 3.32 12.79
N ARG A 372 12.59 4.00 13.16
CA ARG A 372 12.60 5.41 13.62
C ARG A 372 12.06 6.32 12.50
N LEU A 373 12.27 5.96 11.24
CA LEU A 373 11.79 6.74 10.05
C LEU A 373 10.30 6.47 9.82
N LYS A 374 9.85 5.22 9.96
CA LYS A 374 8.41 4.84 9.83
C LYS A 374 7.60 5.64 10.85
N HIS A 375 8.16 5.90 12.03
CA HIS A 375 7.55 6.72 13.10
C HIS A 375 7.42 8.17 12.62
N LYS A 376 8.47 8.73 12.02
CA LYS A 376 8.47 10.12 11.46
C LYS A 376 7.32 10.25 10.46
N LEU A 377 7.05 9.20 9.67
CA LEU A 377 5.96 9.15 8.65
C LEU A 377 4.60 9.12 9.34
N THR A 378 4.37 8.17 10.25
CA THR A 378 3.10 8.00 11.02
C THR A 378 2.67 9.35 11.59
N VAL A 379 3.62 10.09 12.17
CA VAL A 379 3.38 11.44 12.78
C VAL A 379 3.02 12.44 11.67
N ARG A 380 3.76 12.43 10.55
CA ARG A 380 3.54 13.35 9.41
C ARG A 380 2.18 13.05 8.76
N LYS A 381 1.71 11.79 8.85
CA LYS A 381 0.38 11.35 8.34
C LYS A 381 -0.74 11.79 9.30
N LEU A 382 -0.39 12.15 10.55
CA LEU A 382 -1.35 12.71 11.55
C LEU A 382 -1.23 14.23 11.59
N LYS A 383 -0.46 14.81 10.66
CA LYS A 383 -0.32 16.28 10.45
C LYS A 383 -0.50 16.57 8.96
N ARG A 384 -1.57 16.02 8.36
CA ARG A 384 -1.84 16.03 6.90
C ARG A 384 -2.08 17.48 6.44
N PHE A 385 -1.20 17.97 5.55
CA PHE A 385 -1.22 19.32 4.93
C PHE A 385 -0.80 20.38 5.96
N GLY A 386 -0.02 19.97 6.96
CA GLY A 386 0.58 20.85 7.98
C GLY A 386 1.66 21.76 7.39
N GLU A 387 2.15 21.44 6.20
CA GLU A 387 3.18 22.22 5.46
C GLU A 387 2.51 23.37 4.70
N ILE A 388 1.19 23.54 4.86
CA ILE A 388 0.38 24.71 4.40
C ILE A 388 -0.08 25.47 5.65
N LYS A 389 0.22 26.78 5.74
CA LYS A 389 -0.24 27.64 6.86
C LYS A 389 -1.62 28.25 6.51
N GLY A 390 -1.97 28.28 5.21
CA GLY A 390 -3.27 28.80 4.72
C GLY A 390 -4.36 27.75 4.76
N LEU A 391 -4.20 26.71 5.58
CA LEU A 391 -5.11 25.53 5.64
C LEU A 391 -6.37 25.88 6.47
N PHE A 392 -6.21 26.66 7.54
CA PHE A 392 -7.27 26.98 8.52
C PHE A 392 -7.65 28.46 8.40
N GLU A 393 -8.09 28.85 7.20
CA GLU A 393 -8.49 30.24 6.84
C GLU A 393 -9.64 30.18 5.82
N CYS A 430 -11.88 15.16 -14.28
CA CYS A 430 -10.91 15.70 -15.26
C CYS A 430 -11.15 15.09 -16.65
N ASN A 431 -11.29 15.97 -17.66
CA ASN A 431 -11.45 15.63 -19.10
C ASN A 431 -10.16 15.01 -19.64
N ARG A 432 -9.01 15.45 -19.11
CA ARG A 432 -7.65 15.05 -19.56
C ARG A 432 -7.41 13.56 -19.33
N LEU A 433 -8.04 12.98 -18.30
CA LEU A 433 -7.89 11.56 -17.91
C LEU A 433 -8.72 10.68 -18.85
N VAL A 434 -9.78 11.24 -19.45
CA VAL A 434 -10.70 10.52 -20.38
C VAL A 434 -9.95 10.26 -21.69
N SER A 435 -9.31 11.31 -22.22
CA SER A 435 -8.40 11.25 -23.40
C SER A 435 -7.22 10.33 -23.09
N LEU A 436 -6.64 10.46 -21.89
CA LEU A 436 -5.55 9.56 -21.37
C LEU A 436 -6.08 8.13 -21.30
N GLY A 437 -7.29 7.94 -20.77
CA GLY A 437 -7.98 6.64 -20.65
C GLY A 437 -8.34 6.06 -22.02
N GLY A 438 -8.58 6.93 -23.00
CA GLY A 438 -8.91 6.58 -24.40
C GLY A 438 -7.66 6.32 -25.24
N ASN A 439 -6.58 7.06 -25.00
CA ASN A 439 -5.28 6.95 -25.72
C ASN A 439 -4.35 5.96 -24.98
N LEU A 440 -4.91 5.09 -24.16
CA LEU A 440 -4.18 4.18 -23.22
C LEU A 440 -3.69 2.91 -23.92
N PRO A 441 -4.45 2.31 -24.87
CA PRO A 441 -4.07 0.99 -25.42
C PRO A 441 -2.75 0.92 -26.20
N LYS A 442 -2.38 1.96 -26.95
CA LYS A 442 -1.30 1.92 -27.97
C LYS A 442 -0.07 2.73 -27.52
N LEU A 443 0.01 3.12 -26.25
CA LEU A 443 1.03 4.08 -25.75
C LEU A 443 2.20 3.31 -25.13
N LEU A 444 3.43 3.73 -25.44
CA LEU A 444 4.69 3.08 -25.00
C LEU A 444 5.13 3.63 -23.64
N GLY A 445 4.93 4.93 -23.41
CA GLY A 445 5.27 5.60 -22.14
C GLY A 445 4.86 7.06 -22.15
N PHE A 446 5.62 7.91 -21.43
CA PHE A 446 5.40 9.38 -21.30
C PHE A 446 6.75 10.10 -21.27
N GLY A 447 6.73 11.38 -21.64
CA GLY A 447 7.91 12.28 -21.61
C GLY A 447 7.76 13.34 -20.53
N ARG A 448 8.75 13.43 -19.62
CA ARG A 448 8.76 14.41 -18.50
C ARG A 448 9.35 15.74 -19.01
N THR A 449 8.48 16.62 -19.53
CA THR A 449 8.82 18.00 -19.99
C THR A 449 8.36 19.01 -18.94
N ALA A 450 8.73 20.29 -19.12
CA ALA A 450 8.17 21.44 -18.37
C ALA A 450 6.68 21.54 -18.67
N LYS A 451 5.91 22.09 -17.73
CA LYS A 451 4.42 22.10 -17.73
C LYS A 451 3.90 22.78 -19.00
N ASN A 452 4.41 23.98 -19.30
CA ASN A 452 4.07 24.76 -20.53
C ASN A 452 4.89 24.19 -21.70
N ASP A 453 4.32 23.21 -22.42
CA ASP A 453 4.93 22.56 -23.61
C ASP A 453 3.82 21.86 -24.40
N ALA A 454 3.91 21.87 -25.73
CA ALA A 454 2.91 21.32 -26.67
C ALA A 454 2.77 19.80 -26.47
N GLY A 455 1.54 19.28 -26.48
CA GLY A 455 1.24 17.84 -26.44
C GLY A 455 1.05 17.32 -25.01
N VAL A 456 1.52 18.07 -24.00
CA VAL A 456 1.34 17.75 -22.55
C VAL A 456 -0.13 17.40 -22.31
N LEU A 457 -0.42 16.16 -21.89
CA LEU A 457 -1.79 15.63 -21.70
C LEU A 457 -2.19 15.71 -20.22
N VAL A 458 -1.26 15.40 -19.30
CA VAL A 458 -1.48 15.52 -17.83
C VAL A 458 -0.28 16.25 -17.21
N GLU A 459 -0.49 16.84 -16.03
CA GLU A 459 0.54 17.58 -15.26
C GLU A 459 0.66 16.99 -13.86
N GLY A 460 1.90 16.82 -13.39
CA GLY A 460 2.24 16.54 -11.98
C GLY A 460 2.67 17.82 -11.27
N PRO A 461 3.13 17.74 -10.00
CA PRO A 461 3.58 18.92 -9.27
C PRO A 461 4.74 19.69 -9.94
N PHE A 462 5.64 19.01 -10.64
CA PHE A 462 6.96 19.55 -11.07
C PHE A 462 7.12 19.55 -12.60
N SER A 463 6.28 18.82 -13.35
CA SER A 463 6.49 18.56 -14.79
C SER A 463 5.17 18.27 -15.51
N GLY A 464 5.13 18.56 -16.82
CA GLY A 464 4.09 18.10 -17.75
C GLY A 464 4.48 16.75 -18.35
N PHE A 465 3.50 15.88 -18.59
CA PHE A 465 3.69 14.50 -19.11
C PHE A 465 3.09 14.39 -20.52
N VAL A 466 3.93 14.03 -21.49
CA VAL A 466 3.60 13.95 -22.94
C VAL A 466 3.49 12.48 -23.34
N PRO A 467 2.27 11.95 -23.62
CA PRO A 467 2.12 10.55 -23.99
C PRO A 467 2.94 10.18 -25.24
N TYR A 468 3.73 9.11 -25.13
CA TYR A 468 4.70 8.62 -26.16
C TYR A 468 4.09 7.39 -26.84
N LEU A 469 3.71 7.55 -28.11
CA LEU A 469 2.91 6.56 -28.90
C LEU A 469 3.84 5.83 -29.87
N GLN A 470 3.38 4.73 -30.46
CA GLN A 470 4.22 3.75 -31.22
C GLN A 470 4.91 4.44 -32.41
N GLY A 471 4.21 5.39 -33.07
CA GLY A 471 4.71 6.11 -34.25
C GLY A 471 5.66 7.25 -33.90
N GLY A 472 5.30 8.05 -32.88
CA GLY A 472 5.88 9.39 -32.63
C GLY A 472 7.26 9.34 -31.99
N ARG A 473 7.94 10.49 -31.96
CA ARG A 473 9.16 10.74 -31.16
C ARG A 473 8.78 10.86 -29.69
N PRO A 474 9.69 10.53 -28.74
CA PRO A 474 9.54 10.93 -27.35
C PRO A 474 9.88 12.42 -27.20
N VAL A 475 9.57 13.02 -26.06
CA VAL A 475 9.89 14.46 -25.76
C VAL A 475 10.27 14.60 -24.28
N GLY A 476 11.40 15.25 -24.00
CA GLY A 476 11.73 15.78 -22.66
C GLY A 476 13.08 15.28 -22.16
N GLU A 477 13.54 15.86 -21.04
CA GLU A 477 14.79 15.51 -20.33
C GLU A 477 14.76 14.01 -19.96
N GLN A 478 13.68 13.57 -19.31
CA GLN A 478 13.44 12.16 -18.92
C GLN A 478 12.34 11.56 -19.80
N ILE A 479 12.52 10.30 -20.23
CA ILE A 479 11.46 9.48 -20.90
C ILE A 479 11.11 8.31 -19.98
N LEU A 480 9.83 8.16 -19.65
CA LEU A 480 9.28 7.03 -18.84
C LEU A 480 8.67 6.00 -19.80
N VAL A 481 9.33 4.84 -19.97
CA VAL A 481 8.94 3.78 -20.94
C VAL A 481 8.44 2.55 -20.16
N LYS A 482 7.41 1.88 -20.69
CA LYS A 482 6.58 0.88 -19.98
C LYS A 482 6.96 -0.54 -20.39
N ASN A 483 7.30 -1.39 -19.41
CA ASN A 483 7.39 -2.87 -19.53
C ASN A 483 8.50 -3.28 -20.51
N THR A 484 9.63 -2.58 -20.51
CA THR A 484 10.88 -2.95 -21.24
C THR A 484 12.10 -2.41 -20.49
N LEU A 485 13.26 -3.06 -20.64
CA LEU A 485 14.57 -2.63 -20.08
C LEU A 485 15.53 -2.24 -21.22
N ASN A 486 15.03 -2.14 -22.45
CA ASN A 486 15.81 -1.64 -23.62
C ASN A 486 15.17 -0.33 -24.09
N PRO A 487 15.94 0.78 -24.13
CA PRO A 487 15.41 2.09 -24.55
C PRO A 487 14.53 2.07 -25.81
N GLY A 488 14.91 1.26 -26.80
CA GLY A 488 14.36 1.32 -28.16
C GLY A 488 14.99 2.47 -28.93
N GLU A 489 14.16 3.27 -29.64
CA GLU A 489 14.61 4.46 -30.40
C GLU A 489 14.19 5.72 -29.64
N ILE A 490 15.00 6.13 -28.66
CA ILE A 490 14.84 7.40 -27.88
C ILE A 490 16.15 8.17 -27.98
N PRO A 491 16.13 9.52 -28.05
CA PRO A 491 17.35 10.30 -28.28
C PRO A 491 18.45 9.98 -27.25
N GLU A 492 19.71 10.08 -27.68
CA GLU A 492 20.92 9.69 -26.90
C GLU A 492 21.02 10.53 -25.62
N SER A 493 20.58 11.80 -25.67
CA SER A 493 20.65 12.76 -24.54
C SER A 493 19.58 12.45 -23.48
N ALA A 494 18.45 11.86 -23.90
CA ALA A 494 17.26 11.59 -23.05
C ALA A 494 17.57 10.51 -22.01
N GLN A 495 17.34 10.80 -20.73
CA GLN A 495 17.49 9.83 -19.61
C GLN A 495 16.36 8.79 -19.70
N PHE A 496 16.72 7.51 -19.68
CA PHE A 496 15.82 6.34 -19.81
C PHE A 496 15.31 5.94 -18.41
N VAL A 497 13.99 5.90 -18.23
CA VAL A 497 13.33 5.52 -16.95
C VAL A 497 12.38 4.35 -17.21
N PRO A 498 12.85 3.10 -17.06
CA PRO A 498 11.97 1.94 -17.11
C PRO A 498 10.98 1.91 -15.94
N TYR A 499 9.68 1.78 -16.23
CA TYR A 499 8.61 1.56 -15.23
C TYR A 499 7.75 0.37 -15.67
N PHE A 500 7.59 -0.61 -14.78
CA PHE A 500 6.74 -1.81 -14.98
C PHE A 500 5.37 -1.55 -14.35
N VAL A 501 4.30 -2.06 -14.97
CA VAL A 501 2.91 -2.02 -14.42
C VAL A 501 2.13 -3.22 -14.96
N ALA A 502 1.37 -3.88 -14.08
CA ALA A 502 0.36 -4.90 -14.42
C ALA A 502 -0.80 -4.20 -15.12
N ASP A 503 -0.76 -4.14 -16.46
CA ASP A 503 -1.77 -3.43 -17.29
C ASP A 503 -2.41 -4.41 -18.27
N TYR A 504 -2.76 -5.62 -17.82
CA TYR A 504 -3.67 -6.52 -18.56
C TYR A 504 -5.05 -5.87 -18.61
N PHE A 505 -5.77 -6.08 -19.71
CA PHE A 505 -7.19 -5.67 -19.90
C PHE A 505 -7.75 -6.44 -21.09
N LYS A 506 -8.96 -7.00 -20.94
CA LYS A 506 -9.71 -7.65 -22.04
C LYS A 506 -10.13 -6.57 -23.04
N LYS A 507 -9.75 -6.73 -24.32
CA LYS A 507 -10.09 -5.79 -25.42
C LYS A 507 -11.54 -6.03 -25.84
N ASP A 508 -12.22 -4.97 -26.27
CA ASP A 508 -13.63 -4.98 -26.75
C ASP A 508 -13.69 -5.55 -28.16
N PRO A 509 -14.90 -5.66 -28.76
CA PRO A 509 -15.03 -5.65 -30.22
C PRO A 509 -14.32 -4.43 -30.81
N LYS A 510 -14.48 -3.28 -30.14
CA LYS A 510 -13.70 -2.02 -30.36
C LYS A 510 -12.27 -2.24 -29.82
N GLY A 511 -11.30 -1.46 -30.32
CA GLY A 511 -9.88 -1.57 -29.93
C GLY A 511 -9.63 -1.20 -28.49
N GLY A 512 -10.52 -0.39 -27.90
CA GLY A 512 -10.41 0.11 -26.50
C GLY A 512 -10.68 -0.98 -25.47
N VAL A 513 -10.34 -0.71 -24.21
CA VAL A 513 -10.50 -1.64 -23.05
C VAL A 513 -12.00 -1.90 -22.82
N ALA A 514 -12.32 -3.08 -22.29
CA ALA A 514 -13.70 -3.56 -22.02
C ALA A 514 -14.36 -2.71 -20.92
N THR A 515 -15.63 -2.99 -20.63
CA THR A 515 -16.49 -2.23 -19.68
C THR A 515 -17.09 -3.20 -18.65
N PHE A 516 -17.44 -2.68 -17.47
CA PHE A 516 -18.11 -3.42 -16.36
C PHE A 516 -19.27 -4.25 -16.92
N GLU A 517 -20.02 -3.67 -17.86
CA GLU A 517 -21.21 -4.27 -18.51
C GLU A 517 -20.79 -5.52 -19.30
N GLU A 518 -19.78 -5.38 -20.17
CA GLU A 518 -19.34 -6.44 -21.13
C GLU A 518 -18.70 -7.58 -20.35
N LEU A 519 -17.83 -7.27 -19.38
CA LEU A 519 -17.16 -8.25 -18.49
C LEU A 519 -18.21 -9.09 -17.76
N SER A 520 -19.22 -8.43 -17.20
CA SER A 520 -20.33 -9.03 -16.40
C SER A 520 -21.18 -9.96 -17.29
N MET A 521 -21.38 -9.60 -18.55
CA MET A 521 -22.21 -10.36 -19.53
C MET A 521 -21.49 -11.66 -19.91
N ALA A 522 -20.17 -11.69 -19.83
CA ALA A 522 -19.29 -12.78 -20.33
C ALA A 522 -19.08 -13.86 -19.26
N SER A 523 -19.92 -13.90 -18.21
CA SER A 523 -19.79 -14.83 -17.06
C SER A 523 -20.63 -16.10 -17.31
N THR A 524 -20.14 -17.24 -16.82
CA THR A 524 -20.90 -18.52 -16.69
C THR A 524 -22.05 -18.31 -15.70
N GLY A 525 -23.28 -18.68 -16.09
CA GLY A 525 -24.48 -18.59 -15.22
C GLY A 525 -24.90 -17.15 -14.99
N THR A 526 -25.05 -16.76 -13.71
CA THR A 526 -25.43 -15.39 -13.26
C THR A 526 -24.50 -14.36 -13.90
N ARG A 527 -25.02 -13.18 -14.26
CA ARG A 527 -24.27 -12.08 -14.92
C ARG A 527 -23.89 -11.01 -13.89
N ARG A 528 -22.97 -11.33 -12.97
CA ARG A 528 -22.40 -10.38 -11.98
C ARG A 528 -21.01 -9.95 -12.44
N LEU A 529 -20.59 -8.72 -12.10
CA LEU A 529 -19.18 -8.28 -12.21
C LEU A 529 -18.41 -8.84 -11.01
N GLY A 530 -17.26 -9.47 -11.27
CA GLY A 530 -16.35 -10.01 -10.24
C GLY A 530 -15.33 -8.97 -9.82
N VAL A 531 -15.07 -8.87 -8.52
CA VAL A 531 -14.04 -7.96 -7.91
C VAL A 531 -13.24 -8.76 -6.89
N MET A 532 -11.91 -8.58 -6.88
CA MET A 532 -11.04 -9.09 -5.78
C MET A 532 -9.98 -8.04 -5.43
N LYS A 533 -9.90 -7.69 -4.14
CA LYS A 533 -8.80 -6.90 -3.53
C LYS A 533 -7.88 -7.88 -2.80
N GLY A 534 -6.58 -7.86 -3.11
CA GLY A 534 -5.58 -8.79 -2.57
C GLY A 534 -4.39 -8.07 -1.97
N ASP A 535 -3.90 -8.58 -0.83
CA ASP A 535 -2.76 -7.98 -0.08
C ASP A 535 -1.91 -9.11 0.51
N VAL A 536 -0.60 -8.88 0.65
CA VAL A 536 0.39 -9.84 1.22
C VAL A 536 0.38 -9.70 2.74
N ASP A 537 0.38 -10.83 3.45
CA ASP A 537 0.27 -10.90 4.93
C ASP A 537 1.65 -10.67 5.56
N ARG A 538 1.74 -9.67 6.45
CA ARG A 538 2.90 -9.41 7.35
C ARG A 538 4.16 -9.15 6.51
N LEU A 539 4.03 -8.32 5.46
CA LEU A 539 5.16 -7.89 4.59
C LEU A 539 6.08 -6.96 5.39
N GLY A 540 5.51 -5.95 6.05
CA GLY A 540 6.23 -4.99 6.92
C GLY A 540 7.20 -5.70 7.85
N GLU A 541 6.78 -6.84 8.42
CA GLU A 541 7.61 -7.71 9.30
C GLU A 541 8.76 -8.30 8.49
N PHE A 542 8.47 -8.84 7.30
CA PHE A 542 9.43 -9.52 6.39
C PHE A 542 10.56 -8.56 6.01
N PHE A 543 10.24 -7.29 5.71
CA PHE A 543 11.20 -6.27 5.23
C PHE A 543 12.05 -5.74 6.39
N SER A 544 11.46 -5.59 7.58
CA SER A 544 12.15 -5.11 8.80
C SER A 544 13.09 -6.21 9.35
N SER A 545 12.99 -7.42 8.79
CA SER A 545 13.90 -8.56 9.08
C SER A 545 15.06 -8.60 8.07
N MET A 546 15.14 -7.63 7.16
CA MET A 546 16.27 -7.49 6.19
C MET A 546 17.43 -6.76 6.88
N ASP A 547 18.66 -7.16 6.59
CA ASP A 547 19.90 -6.77 7.32
C ASP A 547 20.52 -5.53 6.67
N SER A 548 20.74 -5.56 5.36
CA SER A 548 21.52 -4.55 4.60
C SER A 548 20.67 -3.94 3.48
N PRO A 549 20.98 -2.69 3.06
CA PRO A 549 20.33 -2.06 1.91
C PRO A 549 20.09 -2.95 0.68
N SER A 550 21.06 -3.82 0.34
CA SER A 550 21.03 -4.70 -0.86
C SER A 550 20.01 -5.83 -0.66
N LYS A 551 19.89 -6.35 0.57
CA LYS A 551 18.90 -7.39 0.95
C LYS A 551 17.48 -6.82 0.79
N LEU A 552 17.24 -5.61 1.33
CA LEU A 552 15.96 -4.87 1.20
C LEU A 552 15.65 -4.66 -0.28
N ALA A 553 16.67 -4.32 -1.08
CA ALA A 553 16.58 -4.03 -2.53
C ALA A 553 16.08 -5.26 -3.30
N THR A 554 16.67 -6.43 -3.03
CA THR A 554 16.26 -7.73 -3.63
C THR A 554 14.83 -8.06 -3.19
N ALA A 555 14.59 -8.02 -1.87
CA ALA A 555 13.27 -8.25 -1.22
C ALA A 555 12.23 -7.36 -1.90
N SER A 556 12.47 -6.04 -1.94
CA SER A 556 11.60 -5.00 -2.54
C SER A 556 11.26 -5.36 -4.00
N ARG A 557 12.30 -5.54 -4.83
CA ARG A 557 12.18 -5.65 -6.31
C ARG A 557 11.43 -6.93 -6.70
N PHE A 558 11.83 -8.08 -6.12
CA PHE A 558 11.24 -9.41 -6.37
C PHE A 558 9.75 -9.38 -6.01
N MET A 559 9.44 -8.82 -4.84
CA MET A 559 8.05 -8.64 -4.32
C MET A 559 7.23 -7.85 -5.33
N ASP A 560 7.75 -6.69 -5.74
CA ASP A 560 7.07 -5.73 -6.66
C ASP A 560 6.88 -6.36 -8.04
N TYR A 561 7.86 -7.14 -8.51
CA TYR A 561 7.88 -7.76 -9.86
C TYR A 561 6.84 -8.88 -9.98
N PHE A 562 6.43 -9.50 -8.87
CA PHE A 562 5.38 -10.54 -8.86
C PHE A 562 4.06 -9.92 -9.34
N PHE A 563 3.71 -8.75 -8.80
CA PHE A 563 2.45 -8.02 -9.08
C PHE A 563 2.57 -7.25 -10.39
N LYS A 564 3.67 -6.49 -10.55
CA LYS A 564 3.89 -5.59 -11.73
C LYS A 564 4.23 -6.42 -12.97
N GLY A 565 4.77 -7.63 -12.80
CA GLY A 565 5.32 -8.45 -13.92
C GLY A 565 4.46 -9.65 -14.24
N TYR A 566 4.19 -10.52 -13.26
CA TYR A 566 3.78 -11.94 -13.46
C TYR A 566 2.26 -12.12 -13.37
N ILE A 567 1.53 -11.20 -12.72
CA ILE A 567 0.03 -11.27 -12.64
C ILE A 567 -0.52 -11.24 -14.08
N GLY A 568 0.14 -10.51 -14.99
CA GLY A 568 -0.17 -10.52 -16.44
C GLY A 568 -0.14 -11.92 -17.01
N ALA A 569 0.96 -12.65 -16.79
CA ALA A 569 1.19 -14.04 -17.25
C ALA A 569 0.17 -14.98 -16.60
N ILE A 570 -0.06 -14.83 -15.29
CA ILE A 570 -0.99 -15.68 -14.48
C ILE A 570 -2.41 -15.55 -15.05
N ILE A 571 -2.80 -14.35 -15.50
CA ILE A 571 -4.11 -14.08 -16.14
C ILE A 571 -4.14 -14.77 -17.52
N GLU A 572 -3.09 -14.62 -18.33
CA GLU A 572 -3.00 -15.14 -19.72
C GLU A 572 -3.28 -16.66 -19.74
N GLY A 573 -2.92 -17.37 -18.67
CA GLY A 573 -3.09 -18.82 -18.53
C GLY A 573 -1.77 -19.56 -18.44
N LYS A 574 -0.67 -18.85 -18.17
CA LYS A 574 0.70 -19.42 -18.06
C LYS A 574 0.87 -20.09 -16.69
N PHE A 575 1.94 -20.86 -16.54
CA PHE A 575 2.38 -21.52 -15.28
C PHE A 575 1.37 -22.60 -14.89
N GLY A 576 0.82 -23.29 -15.90
CA GLY A 576 -0.15 -24.38 -15.75
C GLY A 576 0.32 -25.45 -14.77
N TYR A 577 1.56 -25.92 -14.92
CA TYR A 577 2.15 -27.01 -14.09
C TYR A 577 2.39 -26.53 -12.66
N ILE A 578 2.76 -25.26 -12.48
CA ILE A 578 3.09 -24.67 -11.15
C ILE A 578 1.78 -24.42 -10.39
N ILE A 579 0.75 -23.94 -11.09
CA ILE A 579 -0.60 -23.63 -10.51
C ILE A 579 -1.33 -24.94 -10.22
N GLY A 580 -1.62 -25.74 -11.26
CA GLY A 580 -2.29 -27.05 -11.14
C GLY A 580 -3.81 -26.92 -11.20
N ASP A 581 -4.52 -27.81 -10.49
CA ASP A 581 -6.00 -27.83 -10.42
C ASP A 581 -6.46 -26.88 -9.31
N VAL A 582 -7.14 -25.78 -9.69
CA VAL A 582 -7.71 -24.77 -8.77
C VAL A 582 -9.23 -24.85 -8.85
N PRO A 583 -9.97 -24.34 -7.83
CA PRO A 583 -11.41 -24.16 -7.96
C PRO A 583 -11.74 -23.36 -9.23
N SER A 584 -12.55 -23.92 -10.13
CA SER A 584 -12.90 -23.31 -11.44
C SER A 584 -14.28 -23.77 -11.92
N LEU A 585 -14.86 -23.01 -12.84
CA LEU A 585 -16.26 -23.15 -13.32
C LEU A 585 -16.29 -23.39 -14.83
N ARG A 586 -15.39 -22.75 -15.59
CA ARG A 586 -15.26 -22.92 -17.06
C ARG A 586 -13.81 -23.29 -17.41
N ASP A 587 -13.57 -23.74 -18.65
CA ASP A 587 -12.22 -23.88 -19.25
C ASP A 587 -11.61 -22.48 -19.39
N TRP A 588 -10.35 -22.32 -19.00
CA TRP A 588 -9.69 -20.99 -18.95
C TRP A 588 -9.56 -20.43 -20.37
N PRO A 589 -10.15 -19.24 -20.66
CA PRO A 589 -10.14 -18.69 -22.01
C PRO A 589 -8.77 -18.18 -22.48
N GLU A 590 -8.65 -17.93 -23.79
CA GLU A 590 -7.41 -17.45 -24.45
C GLU A 590 -7.27 -15.94 -24.23
N GLU A 591 -8.39 -15.20 -24.30
CA GLU A 591 -8.50 -13.75 -23.97
C GLU A 591 -9.48 -13.61 -22.81
N PRO A 592 -9.05 -13.91 -21.55
CA PRO A 592 -9.95 -13.86 -20.40
C PRO A 592 -10.58 -12.48 -20.11
N ASP A 593 -11.82 -12.50 -19.62
CA ASP A 593 -12.66 -11.31 -19.33
C ASP A 593 -12.23 -10.74 -17.97
N ILE A 594 -11.05 -10.14 -17.92
CA ILE A 594 -10.35 -9.65 -16.70
C ILE A 594 -9.75 -8.27 -17.03
N VAL A 595 -9.84 -7.32 -16.10
CA VAL A 595 -9.18 -5.98 -16.20
C VAL A 595 -8.48 -5.69 -14.87
N VAL A 596 -7.15 -5.50 -14.90
CA VAL A 596 -6.33 -5.05 -13.75
C VAL A 596 -6.55 -3.55 -13.57
N VAL A 597 -6.99 -3.13 -12.38
CA VAL A 597 -7.11 -1.70 -11.97
C VAL A 597 -5.78 -1.24 -11.39
N TYR A 598 -5.32 -1.94 -10.34
CA TYR A 598 -4.08 -1.65 -9.59
C TYR A 598 -3.43 -2.99 -9.20
N ALA A 599 -2.12 -3.12 -9.41
CA ALA A 599 -1.30 -4.25 -8.95
C ALA A 599 0.17 -3.81 -8.86
N GLY A 600 0.70 -3.74 -7.64
CA GLY A 600 2.07 -3.28 -7.36
C GLY A 600 2.30 -3.07 -5.87
N GLY A 601 3.50 -3.40 -5.38
CA GLY A 601 3.88 -3.28 -3.97
C GLY A 601 2.91 -4.01 -3.04
N ASP A 602 2.83 -5.34 -3.17
CA ASP A 602 2.15 -6.27 -2.22
C ASP A 602 0.62 -6.18 -2.37
N ASP A 603 0.11 -5.36 -3.29
CA ASP A 603 -1.32 -4.97 -3.36
C ASP A 603 -1.84 -5.18 -4.78
N PHE A 604 -3.12 -5.55 -4.94
CA PHE A 604 -3.80 -5.61 -6.26
C PHE A 604 -5.32 -5.50 -6.10
N PHE A 605 -5.94 -4.84 -7.09
CA PHE A 605 -7.41 -4.69 -7.30
C PHE A 605 -7.72 -5.08 -8.75
N ILE A 606 -8.56 -6.10 -8.95
CA ILE A 606 -8.84 -6.69 -10.29
C ILE A 606 -10.35 -6.95 -10.43
N VAL A 607 -10.92 -6.57 -11.58
CA VAL A 607 -12.36 -6.77 -11.93
C VAL A 607 -12.44 -7.67 -13.16
N GLY A 608 -13.60 -8.32 -13.37
CA GLY A 608 -13.85 -9.22 -14.52
C GLY A 608 -15.08 -10.08 -14.28
N ALA A 609 -15.38 -10.99 -15.22
CA ALA A 609 -16.47 -11.98 -15.12
C ALA A 609 -16.30 -12.77 -13.81
N TRP A 610 -17.32 -12.76 -12.94
CA TRP A 610 -17.25 -13.26 -11.54
C TRP A 610 -16.56 -14.62 -11.50
N ASP A 611 -16.93 -15.52 -12.41
CA ASP A 611 -16.43 -16.93 -12.45
C ASP A 611 -14.94 -16.93 -12.77
N GLN A 612 -14.50 -16.09 -13.72
CA GLN A 612 -13.08 -15.96 -14.11
C GLN A 612 -12.29 -15.31 -12.96
N ILE A 613 -12.90 -14.34 -12.26
CA ILE A 613 -12.28 -13.61 -11.10
C ILE A 613 -12.12 -14.59 -9.93
N PHE A 614 -13.16 -15.38 -9.62
CA PHE A 614 -13.19 -16.41 -8.55
C PHE A 614 -11.99 -17.36 -8.72
N GLU A 615 -11.78 -17.87 -9.94
CA GLU A 615 -10.70 -18.83 -10.27
C GLU A 615 -9.33 -18.16 -10.17
N LEU A 616 -9.21 -16.91 -10.64
CA LEU A 616 -7.92 -16.16 -10.68
C LEU A 616 -7.37 -15.99 -9.27
N ALA A 617 -8.24 -15.81 -8.27
CA ALA A 617 -7.89 -15.65 -6.84
C ALA A 617 -7.02 -16.82 -6.39
N PHE A 618 -7.40 -18.05 -6.76
CA PHE A 618 -6.71 -19.31 -6.40
C PHE A 618 -5.45 -19.50 -7.25
N ARG A 619 -5.50 -19.09 -8.53
CA ARG A 619 -4.35 -19.11 -9.47
C ARG A 619 -3.24 -18.21 -8.93
N VAL A 620 -3.59 -16.98 -8.50
CA VAL A 620 -2.63 -15.96 -7.99
C VAL A 620 -2.05 -16.44 -6.65
N ARG A 621 -2.89 -17.01 -5.78
CA ARG A 621 -2.47 -17.50 -4.42
C ARG A 621 -1.44 -18.62 -4.58
N ARG A 622 -1.63 -19.50 -5.57
CA ARG A 622 -0.74 -20.66 -5.83
C ARG A 622 0.56 -20.19 -6.50
N ALA A 623 0.44 -19.35 -7.55
CA ALA A 623 1.59 -18.69 -8.22
C ALA A 623 2.49 -18.06 -7.16
N PHE A 624 1.88 -17.32 -6.21
CA PHE A 624 2.56 -16.59 -5.13
C PHE A 624 3.21 -17.55 -4.13
N ASN A 625 2.50 -18.64 -3.81
CA ASN A 625 2.99 -19.73 -2.92
C ASN A 625 4.32 -20.27 -3.47
N ALA A 626 4.37 -20.53 -4.78
CA ALA A 626 5.53 -21.09 -5.52
C ALA A 626 6.63 -20.02 -5.64
N TYR A 627 6.26 -18.76 -5.86
CA TYR A 627 7.17 -17.61 -6.10
C TYR A 627 7.96 -17.31 -4.82
N THR A 628 7.24 -17.17 -3.71
CA THR A 628 7.78 -17.29 -2.34
C THR A 628 8.12 -18.77 -2.16
N GLY A 629 8.65 -19.20 -1.01
CA GLY A 629 8.99 -20.62 -0.79
C GLY A 629 7.91 -21.33 0.01
N GLY A 630 6.64 -21.07 -0.32
CA GLY A 630 5.49 -21.33 0.57
C GLY A 630 5.71 -20.67 1.92
N LYS A 631 6.43 -19.55 1.94
CA LYS A 631 6.93 -18.86 3.17
C LYS A 631 6.17 -17.55 3.40
N LEU A 632 5.49 -17.01 2.37
CA LEU A 632 4.63 -15.80 2.49
C LEU A 632 3.24 -16.12 1.93
N THR A 633 2.20 -15.52 2.51
CA THR A 633 0.76 -15.79 2.24
C THR A 633 0.03 -14.50 1.86
N LEU A 634 -1.01 -14.62 1.04
CA LEU A 634 -1.96 -13.53 0.69
C LEU A 634 -3.20 -13.64 1.58
N SER A 635 -3.93 -12.54 1.72
CA SER A 635 -5.37 -12.50 2.08
C SER A 635 -6.12 -11.81 0.94
N VAL A 636 -7.25 -12.37 0.51
CA VAL A 636 -8.07 -11.85 -0.64
C VAL A 636 -9.54 -11.73 -0.21
N GLY A 637 -10.19 -10.65 -0.63
CA GLY A 637 -11.65 -10.46 -0.55
C GLY A 637 -12.27 -10.47 -1.93
N LEU A 638 -13.28 -11.33 -2.16
CA LEU A 638 -14.00 -11.47 -3.46
C LEU A 638 -15.37 -10.80 -3.34
N GLY A 639 -15.82 -10.15 -4.43
CA GLY A 639 -17.15 -9.53 -4.55
C GLY A 639 -17.81 -9.87 -5.88
N TYR A 640 -19.11 -10.19 -5.85
CA TYR A 640 -19.94 -10.54 -7.03
C TYR A 640 -21.14 -9.59 -7.08
N PHE A 641 -21.01 -8.52 -7.87
CA PHE A 641 -21.89 -7.32 -7.83
C PHE A 641 -22.70 -7.18 -9.11
N ASP A 642 -23.85 -6.53 -8.98
CA ASP A 642 -24.67 -6.01 -10.12
C ASP A 642 -23.78 -5.05 -10.92
N GLU A 643 -23.66 -5.27 -12.23
CA GLU A 643 -22.78 -4.51 -13.17
C GLU A 643 -22.99 -3.00 -13.01
N ARG A 644 -24.17 -2.56 -12.52
CA ARG A 644 -24.55 -1.13 -12.39
C ARG A 644 -24.10 -0.54 -11.04
N THR A 645 -23.72 -1.38 -10.07
CA THR A 645 -23.20 -0.95 -8.74
C THR A 645 -22.04 0.02 -8.95
N PRO A 646 -22.01 1.18 -8.25
CA PRO A 646 -20.93 2.15 -8.41
C PRO A 646 -19.62 1.58 -7.83
N ILE A 647 -18.48 2.04 -8.36
CA ILE A 647 -17.14 1.46 -8.08
C ILE A 647 -16.80 1.63 -6.59
N TYR A 648 -17.20 2.75 -5.98
CA TYR A 648 -16.84 3.11 -4.57
C TYR A 648 -17.54 2.15 -3.60
N ARG A 649 -18.76 1.71 -3.91
CA ARG A 649 -19.50 0.74 -3.06
C ARG A 649 -18.82 -0.62 -3.13
N MET A 650 -18.36 -1.01 -4.32
CA MET A 650 -17.65 -2.30 -4.58
C MET A 650 -16.34 -2.33 -3.79
N ALA A 651 -15.57 -1.23 -3.83
CA ALA A 651 -14.27 -1.08 -3.16
C ALA A 651 -14.41 -1.28 -1.65
N ASP A 652 -15.43 -0.68 -1.02
CA ASP A 652 -15.65 -0.72 0.45
C ASP A 652 -16.02 -2.15 0.88
N VAL A 653 -16.81 -2.87 0.08
CA VAL A 653 -17.29 -4.25 0.41
C VAL A 653 -16.11 -5.22 0.33
N VAL A 654 -15.30 -5.19 -0.74
CA VAL A 654 -14.12 -6.08 -0.91
C VAL A 654 -13.07 -5.71 0.16
N SER A 655 -12.91 -4.42 0.45
CA SER A 655 -12.09 -3.89 1.56
C SER A 655 -12.60 -4.47 2.88
N GLU A 656 -13.90 -4.31 3.15
CA GLU A 656 -14.60 -4.89 4.32
C GLU A 656 -14.30 -6.40 4.39
N ARG A 657 -14.30 -7.08 3.25
CA ARG A 657 -14.11 -8.54 3.13
C ARG A 657 -12.61 -8.91 3.24
N LEU A 658 -11.71 -8.05 2.74
CA LEU A 658 -10.25 -8.29 2.79
C LEU A 658 -9.78 -8.23 4.24
N ASP A 659 -9.88 -7.06 4.88
CA ASP A 659 -9.38 -6.83 6.27
C ASP A 659 -10.26 -7.59 7.27
N THR A 660 -11.34 -8.24 6.81
CA THR A 660 -12.04 -9.33 7.55
C THR A 660 -11.16 -10.58 7.48
N ALA A 661 -10.82 -11.02 6.26
CA ALA A 661 -9.97 -12.21 6.00
C ALA A 661 -8.67 -12.12 6.80
N LYS A 662 -8.14 -10.91 6.99
CA LYS A 662 -6.91 -10.64 7.80
C LYS A 662 -7.27 -10.64 9.29
N ASP A 663 -8.45 -10.12 9.64
CA ASP A 663 -8.95 -10.02 11.04
C ASP A 663 -9.24 -11.42 11.59
N GLU A 664 -9.57 -12.39 10.71
CA GLU A 664 -9.94 -13.78 11.09
C GLU A 664 -8.70 -14.69 11.06
N GLY A 665 -7.53 -14.14 11.39
CA GLY A 665 -6.21 -14.71 11.01
C GLY A 665 -5.86 -14.28 9.60
N ARG A 666 -4.78 -14.80 9.03
CA ARG A 666 -4.34 -14.46 7.65
C ARG A 666 -4.09 -15.76 6.89
N ASN A 667 -3.69 -15.67 5.62
CA ASN A 667 -3.60 -16.81 4.67
C ASN A 667 -5.00 -17.40 4.47
N ARG A 668 -6.00 -16.54 4.22
CA ARG A 668 -7.40 -16.97 3.97
C ARG A 668 -8.09 -16.03 2.97
N VAL A 669 -9.15 -16.52 2.34
CA VAL A 669 -9.91 -15.84 1.25
C VAL A 669 -11.39 -15.73 1.66
N PHE A 670 -11.97 -14.53 1.51
CA PHE A 670 -13.43 -14.27 1.63
C PHE A 670 -14.07 -14.64 0.29
N VAL A 671 -14.50 -15.89 0.15
CA VAL A 671 -14.99 -16.49 -1.13
C VAL A 671 -16.29 -15.80 -1.54
N VAL A 672 -17.30 -15.82 -0.66
CA VAL A 672 -18.65 -15.24 -0.91
C VAL A 672 -19.29 -14.89 0.45
N GLY A 673 -20.20 -13.91 0.46
CA GLY A 673 -20.98 -13.51 1.66
C GLY A 673 -21.75 -14.70 2.20
N ARG A 674 -21.95 -14.77 3.52
CA ARG A 674 -22.48 -15.97 4.22
C ARG A 674 -23.20 -15.60 5.51
N SER A 675 -24.27 -16.32 5.83
CA SER A 675 -24.94 -16.36 7.16
C SER A 675 -24.06 -17.17 8.12
N ARG A 676 -24.13 -16.89 9.43
CA ARG A 676 -23.33 -17.60 10.45
C ARG A 676 -23.84 -17.30 11.87
N PRO A 677 -23.61 -18.21 12.83
CA PRO A 677 -23.75 -17.87 14.26
C PRO A 677 -22.77 -16.78 14.68
N LEU A 678 -23.23 -15.76 15.41
CA LEU A 678 -22.40 -14.69 16.01
C LEU A 678 -21.93 -15.12 17.42
N ASP A 679 -21.39 -16.33 17.55
CA ASP A 679 -20.94 -16.92 18.84
C ASP A 679 -19.42 -16.86 18.95
N GLY A 680 -18.75 -16.23 17.98
CA GLY A 680 -17.28 -16.04 17.95
C GLY A 680 -16.51 -17.34 17.74
N LYS A 681 -17.17 -18.37 17.20
CA LYS A 681 -16.56 -19.69 16.86
C LYS A 681 -16.58 -19.91 15.35
N HIS A 682 -17.26 -19.05 14.60
CA HIS A 682 -17.57 -19.24 13.14
C HIS A 682 -17.00 -18.07 12.33
N LYS A 683 -15.92 -18.34 11.59
CA LYS A 683 -15.24 -17.37 10.68
C LYS A 683 -15.95 -17.35 9.33
N LEU A 684 -16.16 -16.16 8.76
CA LEU A 684 -16.73 -15.96 7.40
C LEU A 684 -15.67 -16.37 6.35
N SER A 685 -14.40 -16.06 6.62
CA SER A 685 -13.24 -16.35 5.74
C SER A 685 -12.90 -17.84 5.76
N TYR A 686 -12.28 -18.34 4.68
CA TYR A 686 -11.74 -19.71 4.53
C TYR A 686 -10.21 -19.65 4.40
N GLU A 687 -9.49 -20.52 5.12
CA GLU A 687 -8.08 -20.88 4.78
C GLU A 687 -8.06 -21.37 3.33
N TRP A 688 -7.14 -20.86 2.51
CA TRP A 688 -6.99 -21.25 1.08
C TRP A 688 -7.04 -22.78 0.95
N ASN A 689 -6.27 -23.49 1.78
CA ASN A 689 -6.13 -24.97 1.74
C ASN A 689 -7.45 -25.63 2.15
N HIS A 690 -8.21 -25.01 3.06
CA HIS A 690 -9.55 -25.50 3.51
C HIS A 690 -10.53 -25.47 2.32
N TYR A 691 -10.67 -24.32 1.66
CA TYR A 691 -11.61 -24.14 0.51
C TYR A 691 -11.19 -25.04 -0.66
N GLU A 692 -9.88 -25.09 -0.94
CA GLU A 692 -9.32 -25.90 -2.07
C GLU A 692 -9.67 -27.37 -1.86
N GLU A 693 -9.64 -27.85 -0.60
CA GLU A 693 -10.02 -29.24 -0.22
C GLU A 693 -11.53 -29.43 -0.41
N LEU A 694 -12.35 -28.49 0.10
CA LEU A 694 -13.83 -28.54 0.01
C LEU A 694 -14.26 -28.62 -1.46
N TRP A 695 -13.67 -27.79 -2.32
CA TRP A 695 -13.99 -27.75 -3.77
C TRP A 695 -13.65 -29.11 -4.41
N ARG A 696 -12.44 -29.61 -4.19
CA ARG A 696 -11.96 -30.93 -4.68
C ARG A 696 -12.95 -32.04 -4.27
N THR A 697 -13.53 -31.93 -3.07
CA THR A 697 -14.42 -32.96 -2.46
C THR A 697 -15.79 -32.94 -3.15
N TYR A 698 -16.46 -31.78 -3.18
CA TYR A 698 -17.92 -31.65 -3.42
C TYR A 698 -18.22 -31.29 -4.88
N ALA A 699 -17.49 -30.32 -5.46
CA ALA A 699 -17.76 -29.77 -6.81
C ALA A 699 -17.85 -30.88 -7.86
N PRO A 700 -16.90 -31.85 -7.93
CA PRO A 700 -16.94 -32.88 -8.96
C PRO A 700 -18.17 -33.81 -8.91
N ARG A 701 -18.81 -33.94 -7.74
CA ARG A 701 -19.98 -34.82 -7.52
C ARG A 701 -21.24 -34.15 -8.07
N ILE A 702 -21.27 -32.81 -8.11
CA ILE A 702 -22.50 -32.00 -8.39
C ILE A 702 -22.32 -31.11 -9.63
N TYR A 703 -21.08 -30.91 -10.10
CA TYR A 703 -20.73 -29.97 -11.19
C TYR A 703 -19.99 -30.72 -12.31
N ALA A 704 -20.48 -30.58 -13.55
CA ALA A 704 -19.90 -31.20 -14.78
C ALA A 704 -18.91 -30.23 -15.44
N GLY A 705 -19.18 -28.91 -15.36
CA GLY A 705 -18.33 -27.84 -15.90
C GLY A 705 -19.06 -26.94 -16.88
N ASN A 706 -18.43 -25.83 -17.26
CA ASN A 706 -18.93 -24.84 -18.25
C ASN A 706 -20.44 -24.62 -18.06
N GLY A 707 -20.84 -24.26 -16.83
CA GLY A 707 -22.20 -23.84 -16.48
C GLY A 707 -23.21 -24.98 -16.51
N ARG A 708 -22.75 -26.23 -16.48
CA ARG A 708 -23.67 -27.41 -16.51
C ARG A 708 -23.36 -28.30 -15.30
N LEU A 709 -24.42 -28.92 -14.77
CA LEU A 709 -24.42 -29.82 -13.60
C LEU A 709 -24.14 -31.26 -14.04
N LYS A 710 -23.99 -32.16 -13.07
CA LYS A 710 -23.68 -33.58 -13.35
C LYS A 710 -24.79 -34.22 -14.18
N GLY A 711 -26.04 -33.88 -13.90
CA GLY A 711 -27.19 -34.42 -14.64
C GLY A 711 -27.87 -35.49 -13.84
N LYS A 712 -27.15 -36.12 -12.92
CA LYS A 712 -27.87 -37.01 -11.99
C LYS A 712 -28.74 -36.01 -11.24
N LEU A 713 -28.10 -34.87 -10.96
CA LEU A 713 -28.63 -33.66 -10.30
C LEU A 713 -29.73 -32.98 -11.13
N GLU A 714 -29.73 -33.12 -12.46
CA GLU A 714 -30.82 -32.51 -13.26
C GLU A 714 -32.12 -33.13 -12.75
N SER A 715 -33.14 -32.30 -12.52
CA SER A 715 -34.39 -32.80 -11.88
C SER A 715 -34.18 -32.93 -10.36
N LYS A 716 -32.98 -32.59 -9.86
CA LYS A 716 -32.63 -32.59 -8.42
C LYS A 716 -31.71 -31.43 -8.06
N LYS A 717 -31.80 -30.31 -8.78
CA LYS A 717 -31.12 -29.03 -8.42
C LYS A 717 -31.63 -28.60 -7.03
N GLY A 718 -32.66 -29.29 -6.51
CA GLY A 718 -33.38 -28.96 -5.26
C GLY A 718 -32.67 -29.44 -4.00
N LEU A 719 -31.96 -30.58 -4.05
CA LEU A 719 -31.27 -31.17 -2.87
C LEU A 719 -30.19 -30.20 -2.35
N LEU A 720 -29.58 -29.42 -3.26
CA LEU A 720 -28.52 -28.43 -2.94
C LEU A 720 -29.13 -27.27 -2.13
N TRP A 721 -30.24 -26.71 -2.63
CA TRP A 721 -31.02 -25.63 -1.95
C TRP A 721 -31.48 -26.10 -0.57
N LYS A 722 -31.81 -27.39 -0.43
CA LYS A 722 -32.30 -28.00 0.83
C LYS A 722 -31.17 -28.00 1.87
N LEU A 723 -29.94 -28.32 1.47
CA LEU A 723 -28.73 -28.30 2.35
C LEU A 723 -28.49 -26.87 2.86
N LEU A 724 -28.64 -25.86 1.99
CA LEU A 724 -28.47 -24.42 2.35
C LEU A 724 -29.53 -24.01 3.37
N GLU A 725 -30.72 -24.60 3.32
CA GLU A 725 -31.82 -24.37 4.31
C GLU A 725 -31.56 -25.18 5.59
N ILE A 726 -30.95 -26.37 5.47
CA ILE A 726 -30.54 -27.23 6.62
C ILE A 726 -29.39 -26.55 7.36
N ARG A 727 -28.44 -25.95 6.63
CA ARG A 727 -27.29 -25.18 7.20
C ARG A 727 -27.82 -23.93 7.91
N GLU A 728 -28.94 -23.37 7.43
CA GLU A 728 -29.56 -22.14 8.00
C GLU A 728 -30.13 -22.43 9.40
N LEU A 729 -30.58 -23.67 9.66
CA LEU A 729 -31.13 -24.09 10.98
C LEU A 729 -30.00 -24.64 11.86
N TYR A 730 -28.76 -24.63 11.36
CA TYR A 730 -27.51 -24.71 12.15
C TYR A 730 -27.07 -23.29 12.54
N VAL A 731 -27.36 -22.31 11.69
CA VAL A 731 -27.04 -20.86 11.92
C VAL A 731 -28.05 -20.28 12.91
N ARG A 732 -29.33 -20.70 12.84
CA ARG A 732 -30.38 -20.35 13.84
C ARG A 732 -29.85 -20.65 15.25
N ASP A 733 -29.38 -21.89 15.45
CA ASP A 733 -28.74 -22.36 16.71
C ASP A 733 -27.90 -23.60 16.39
N PRO A 734 -26.55 -23.53 16.51
CA PRO A 734 -25.69 -24.66 16.18
C PRO A 734 -25.71 -25.80 17.22
N ASN A 735 -26.35 -25.57 18.38
CA ASN A 735 -26.41 -26.53 19.51
C ASN A 735 -27.68 -27.38 19.40
N ASP A 736 -28.74 -26.86 18.80
CA ASP A 736 -29.98 -27.62 18.46
C ASP A 736 -29.61 -28.71 17.45
N VAL A 737 -30.01 -29.96 17.72
CA VAL A 737 -29.57 -31.19 17.00
C VAL A 737 -30.67 -31.60 16.01
N ARG A 738 -31.29 -30.64 15.32
CA ARG A 738 -32.42 -30.86 14.37
C ARG A 738 -31.88 -31.13 12.96
N TRP A 739 -30.73 -30.53 12.61
CA TRP A 739 -30.09 -30.70 11.28
C TRP A 739 -29.60 -32.15 11.09
N ALA A 740 -29.47 -32.91 12.19
CA ALA A 740 -29.20 -34.36 12.20
C ALA A 740 -30.47 -35.13 11.81
N TYR A 741 -31.62 -34.71 12.36
CA TYR A 741 -32.98 -35.25 12.10
C TYR A 741 -33.31 -35.17 10.61
N LEU A 742 -33.16 -33.97 10.01
CA LEU A 742 -33.62 -33.63 8.64
C LEU A 742 -32.90 -34.51 7.61
N THR A 743 -31.56 -34.57 7.68
CA THR A 743 -30.70 -35.35 6.75
C THR A 743 -31.23 -36.79 6.62
N LEU A 752 -30.55 -38.95 -3.85
CA LEU A 752 -29.85 -40.00 -3.07
C LEU A 752 -29.18 -39.36 -1.85
N SER A 753 -29.04 -40.14 -0.76
CA SER A 753 -28.37 -39.72 0.51
C SER A 753 -26.88 -40.11 0.48
N ASP A 754 -26.46 -40.91 -0.50
CA ASP A 754 -25.03 -41.21 -0.82
C ASP A 754 -24.26 -39.88 -0.88
N LEU A 755 -24.57 -39.08 -1.91
CA LEU A 755 -24.17 -37.66 -2.09
C LEU A 755 -24.06 -36.97 -0.72
N PHE A 756 -22.86 -36.48 -0.38
CA PHE A 756 -22.54 -35.78 0.89
C PHE A 756 -22.76 -36.69 2.11
N PRO A 757 -21.89 -37.70 2.36
CA PRO A 757 -21.95 -38.47 3.59
C PRO A 757 -21.21 -37.81 4.76
N GLU A 758 -20.41 -36.77 4.49
CA GLU A 758 -19.57 -36.06 5.47
C GLU A 758 -20.46 -35.16 6.35
N LEU A 759 -21.67 -34.84 5.87
CA LEU A 759 -22.56 -33.80 6.45
C LEU A 759 -23.69 -34.41 7.29
N VAL A 760 -23.98 -35.70 7.13
CA VAL A 760 -25.13 -36.39 7.81
C VAL A 760 -24.78 -36.65 9.28
N GLY A 761 -23.55 -37.13 9.54
CA GLY A 761 -23.06 -37.43 10.90
C GLY A 761 -22.88 -36.16 11.71
N ILE A 762 -22.96 -36.27 13.04
CA ILE A 762 -22.72 -35.14 14.00
C ILE A 762 -21.24 -35.19 14.39
N ASP A 763 -20.38 -34.62 13.55
CA ASP A 763 -18.89 -34.59 13.73
C ASP A 763 -18.57 -34.23 15.17
N THR A 764 -17.68 -34.99 15.82
CA THR A 764 -17.46 -34.99 17.29
C THR A 764 -16.13 -34.30 17.64
N LYS A 765 -15.05 -34.65 16.93
CA LYS A 765 -13.73 -33.99 17.06
C LYS A 765 -13.89 -32.48 16.90
N ALA A 766 -14.77 -32.05 15.98
CA ALA A 766 -15.14 -30.65 15.72
C ALA A 766 -15.71 -30.01 17.00
N VAL A 767 -16.55 -30.74 17.75
CA VAL A 767 -17.21 -30.27 19.00
C VAL A 767 -16.14 -30.21 20.10
N GLU A 768 -15.26 -31.24 20.17
CA GLU A 768 -14.14 -31.35 21.13
C GLU A 768 -13.13 -30.21 20.88
N ARG A 769 -12.65 -30.09 19.63
CA ARG A 769 -11.65 -29.09 19.19
C ARG A 769 -12.24 -27.67 19.27
N LYS A 770 -13.55 -27.54 19.50
CA LYS A 770 -14.30 -26.25 19.59
C LYS A 770 -14.28 -25.58 18.21
N GLU A 771 -14.86 -26.25 17.21
CA GLU A 771 -14.86 -25.82 15.78
C GLU A 771 -16.27 -25.95 15.20
N PRO A 772 -16.55 -25.33 14.03
CA PRO A 772 -17.81 -25.54 13.32
C PRO A 772 -18.00 -26.98 12.81
N GLN A 773 -19.26 -27.36 12.55
CA GLN A 773 -19.63 -28.66 11.93
C GLN A 773 -19.41 -28.57 10.42
N PRO A 774 -19.01 -29.67 9.75
CA PRO A 774 -18.81 -29.69 8.30
C PRO A 774 -19.88 -28.94 7.49
N VAL A 775 -21.15 -29.09 7.88
CA VAL A 775 -22.34 -28.46 7.24
C VAL A 775 -22.09 -26.94 7.08
N TYR A 776 -21.51 -26.30 8.10
CA TYR A 776 -21.27 -24.83 8.15
C TYR A 776 -20.45 -24.38 6.93
N TRP A 777 -19.58 -25.25 6.40
CA TRP A 777 -18.53 -24.89 5.41
C TRP A 777 -19.02 -25.04 3.97
N VAL A 778 -19.97 -25.95 3.71
CA VAL A 778 -20.33 -26.44 2.35
C VAL A 778 -20.94 -25.30 1.51
N ASP A 779 -21.69 -24.38 2.15
CA ASP A 779 -22.38 -23.26 1.46
C ASP A 779 -21.41 -22.54 0.51
N GLY A 780 -20.13 -22.42 0.90
CA GLY A 780 -19.07 -21.78 0.10
C GLY A 780 -18.92 -22.40 -1.28
N VAL A 781 -19.05 -23.73 -1.39
CA VAL A 781 -19.00 -24.47 -2.68
C VAL A 781 -20.35 -24.34 -3.40
N LEU A 782 -21.44 -24.70 -2.72
CA LEU A 782 -22.80 -24.85 -3.31
C LEU A 782 -23.27 -23.52 -3.89
N LYS A 783 -23.17 -22.43 -3.14
CA LYS A 783 -23.63 -21.08 -3.57
C LYS A 783 -22.88 -20.64 -4.84
N ILE A 784 -21.62 -21.07 -4.99
CA ILE A 784 -20.76 -20.74 -6.17
C ILE A 784 -21.23 -21.57 -7.37
N VAL A 785 -21.53 -22.86 -7.17
CA VAL A 785 -22.05 -23.77 -8.25
C VAL A 785 -23.41 -23.23 -8.74
N LEU A 786 -24.32 -22.93 -7.81
CA LEU A 786 -25.72 -22.51 -8.12
C LEU A 786 -25.71 -21.21 -8.92
N MET A 787 -24.70 -20.36 -8.74
CA MET A 787 -24.49 -19.11 -9.53
C MET A 787 -24.11 -19.48 -10.97
N ALA A 788 -23.29 -20.53 -11.14
CA ALA A 788 -22.74 -20.98 -12.44
C ALA A 788 -23.83 -21.62 -13.31
N VAL A 789 -24.89 -22.14 -12.69
CA VAL A 789 -25.88 -23.07 -13.32
C VAL A 789 -27.17 -22.31 -13.68
N ARG A 790 -27.45 -21.16 -13.04
CA ARG A 790 -28.71 -20.39 -13.22
C ARG A 790 -28.75 -19.75 -14.61
N PRO B 2 -13.28 16.54 34.80
CA PRO B 2 -14.43 17.43 35.07
C PRO B 2 -15.78 16.71 34.88
N LYS B 3 -16.83 17.19 35.55
CA LYS B 3 -18.21 16.64 35.48
C LYS B 3 -19.02 17.43 34.43
N PHE B 4 -19.87 16.73 33.67
CA PHE B 4 -20.58 17.25 32.48
C PHE B 4 -22.03 16.72 32.45
N ILE B 5 -22.92 17.41 31.74
CA ILE B 5 -24.29 16.93 31.42
C ILE B 5 -24.21 16.10 30.13
N ALA B 6 -24.52 14.81 30.22
CA ALA B 6 -24.69 13.89 29.07
C ALA B 6 -26.14 14.00 28.58
N VAL B 7 -26.35 14.51 27.37
CA VAL B 7 -27.68 14.57 26.69
C VAL B 7 -27.86 13.25 25.93
N LYS B 8 -28.59 12.29 26.52
CA LYS B 8 -28.85 10.95 25.91
C LYS B 8 -30.02 11.06 24.94
N LEU B 9 -29.78 10.69 23.68
CA LEU B 9 -30.81 10.57 22.60
C LEU B 9 -31.22 9.10 22.49
N ILE B 10 -32.35 8.71 23.08
CA ILE B 10 -32.97 7.37 22.91
C ILE B 10 -33.72 7.36 21.58
N PRO B 11 -33.25 6.63 20.56
CA PRO B 11 -33.84 6.70 19.22
C PRO B 11 -35.18 5.96 19.10
N LYS B 12 -36.17 6.62 18.47
CA LYS B 12 -37.48 6.05 18.08
C LYS B 12 -37.41 5.70 16.59
N GLY B 13 -36.58 4.72 16.24
CA GLY B 13 -36.29 4.31 14.84
C GLY B 13 -34.81 4.45 14.52
N PRO B 14 -34.40 4.22 13.24
CA PRO B 14 -33.01 4.37 12.82
C PRO B 14 -32.65 5.83 12.51
N PHE B 15 -31.34 6.12 12.50
CA PHE B 15 -30.75 7.47 12.23
C PHE B 15 -30.06 7.48 10.86
N ARG B 16 -29.89 8.67 10.28
CA ARG B 16 -29.15 8.87 9.00
C ARG B 16 -27.68 9.17 9.32
N ASP B 17 -27.44 10.04 10.31
CA ASP B 17 -26.09 10.45 10.78
C ASP B 17 -25.98 10.18 12.28
N ILE B 18 -24.77 9.89 12.77
CA ILE B 18 -24.34 10.21 14.16
C ILE B 18 -23.87 11.66 14.12
N PRO B 19 -24.68 12.62 14.59
CA PRO B 19 -24.43 14.05 14.33
C PRO B 19 -23.17 14.54 15.06
N ARG B 20 -22.41 15.44 14.44
CA ARG B 20 -21.20 16.05 15.05
C ARG B 20 -21.48 17.52 15.33
N ALA B 21 -20.62 18.15 16.14
CA ALA B 21 -20.89 19.35 16.95
C ALA B 21 -21.50 20.49 16.12
N ASP B 22 -21.03 20.70 14.89
CA ASP B 22 -21.52 21.77 13.98
C ASP B 22 -23.01 21.56 13.68
N THR B 23 -23.41 20.34 13.32
CA THR B 23 -24.81 19.98 12.96
C THR B 23 -25.69 19.96 14.23
N LEU B 24 -25.12 19.59 15.38
CA LEU B 24 -25.82 19.62 16.69
C LEU B 24 -26.15 21.07 17.05
N PHE B 25 -25.16 21.97 16.97
CA PHE B 25 -25.35 23.42 17.22
C PHE B 25 -26.30 24.00 16.17
N GLY B 26 -26.10 23.64 14.90
CA GLY B 26 -26.98 24.01 13.77
C GLY B 26 -28.42 23.70 14.07
N ALA B 27 -28.70 22.49 14.56
CA ALA B 27 -30.06 21.99 14.90
C ALA B 27 -30.61 22.77 16.11
N ILE B 28 -29.81 22.92 17.17
CA ILE B 28 -30.19 23.64 18.42
C ILE B 28 -30.41 25.12 18.10
N GLY B 29 -29.58 25.70 17.22
CA GLY B 29 -29.70 27.08 16.72
C GLY B 29 -31.05 27.31 16.04
N ASN B 30 -31.48 26.34 15.22
CA ASN B 30 -32.77 26.38 14.46
C ASN B 30 -33.95 26.30 15.44
N ALA B 31 -33.91 25.35 16.38
CA ALA B 31 -34.96 25.10 17.39
C ALA B 31 -35.22 26.38 18.19
N ILE B 32 -34.15 27.05 18.65
CA ILE B 32 -34.20 28.26 19.51
C ILE B 32 -34.77 29.44 18.71
N SER B 33 -34.52 29.50 17.39
CA SER B 33 -35.14 30.47 16.45
C SER B 33 -36.66 30.28 16.42
N ALA B 34 -37.12 29.02 16.33
CA ALA B 34 -38.54 28.63 16.19
C ALA B 34 -39.30 28.81 17.52
N ILE B 35 -38.59 28.80 18.66
CA ILE B 35 -39.20 28.90 20.02
C ILE B 35 -39.12 30.35 20.52
N HIS B 36 -37.94 30.97 20.48
CA HIS B 36 -37.63 32.24 21.19
C HIS B 36 -37.10 33.35 20.27
N GLY B 37 -37.16 33.17 18.94
CA GLY B 37 -36.66 34.17 17.97
C GLY B 37 -35.16 34.32 18.01
N GLN B 38 -34.59 35.21 17.19
CA GLN B 38 -33.12 35.31 16.95
C GLN B 38 -32.43 36.11 18.06
N SER B 39 -33.17 36.70 19.00
CA SER B 39 -32.62 37.29 20.25
C SER B 39 -32.02 36.19 21.12
N ALA B 40 -32.68 35.01 21.14
CA ALA B 40 -32.27 33.82 21.92
C ALA B 40 -31.05 33.16 21.27
N VAL B 41 -31.01 33.10 19.93
CA VAL B 41 -29.85 32.57 19.16
C VAL B 41 -28.62 33.39 19.54
N GLU B 42 -28.75 34.72 19.60
CA GLU B 42 -27.64 35.66 19.93
C GLU B 42 -27.16 35.41 21.37
N GLU B 43 -28.09 35.17 22.30
CA GLU B 43 -27.79 34.89 23.73
C GLU B 43 -27.10 33.53 23.87
N LEU B 44 -27.38 32.60 22.93
CA LEU B 44 -26.79 31.23 22.90
C LEU B 44 -25.34 31.31 22.39
N VAL B 45 -25.11 31.99 21.27
CA VAL B 45 -23.76 32.22 20.67
C VAL B 45 -22.88 32.91 21.73
N ASP B 46 -23.47 33.85 22.48
CA ASP B 46 -22.78 34.64 23.55
C ASP B 46 -22.29 33.70 24.66
N ALA B 47 -23.15 32.78 25.12
CA ALA B 47 -22.83 31.77 26.15
C ALA B 47 -21.68 30.88 25.68
N PHE B 48 -21.67 30.54 24.39
CA PHE B 48 -20.71 29.58 23.76
C PHE B 48 -19.37 30.28 23.51
N VAL B 49 -19.39 31.46 22.89
CA VAL B 49 -18.21 32.36 22.74
C VAL B 49 -17.68 32.70 24.16
N GLY B 50 -18.57 32.69 25.16
CA GLY B 50 -18.26 32.97 26.57
C GLY B 50 -17.43 31.88 27.24
N GLY B 51 -17.63 30.62 26.87
CA GLY B 51 -16.90 29.48 27.46
C GLY B 51 -17.67 28.17 27.47
N ALA B 52 -18.99 28.19 27.28
CA ALA B 52 -19.85 27.00 27.18
C ALA B 52 -19.49 26.20 25.91
N ARG B 53 -19.55 24.87 25.99
CA ARG B 53 -19.16 23.94 24.89
C ARG B 53 -20.17 22.78 24.81
N ILE B 54 -20.43 22.28 23.59
CA ILE B 54 -21.05 20.94 23.35
C ILE B 54 -20.04 20.06 22.61
N SER B 55 -20.06 18.76 22.90
CA SER B 55 -19.30 17.71 22.17
C SER B 55 -20.05 17.35 20.89
N SER B 56 -19.43 16.54 20.03
CA SER B 56 -20.10 15.77 18.96
C SER B 56 -20.84 14.60 19.61
N ALA B 57 -21.79 13.99 18.90
CA ALA B 57 -22.57 12.83 19.38
C ALA B 57 -21.72 11.55 19.26
N PHE B 58 -21.74 10.70 20.29
CA PHE B 58 -21.01 9.42 20.36
C PHE B 58 -21.99 8.30 20.73
N PRO B 59 -21.69 7.02 20.40
CA PRO B 59 -22.56 5.92 20.78
C PRO B 59 -22.55 5.63 22.29
N TYR B 60 -23.69 5.20 22.83
CA TYR B 60 -23.83 4.58 24.18
C TYR B 60 -24.60 3.27 24.03
N SER B 61 -24.23 2.26 24.82
CA SER B 61 -24.94 0.95 24.95
C SER B 61 -25.09 0.61 26.43
N GLY B 62 -26.32 0.53 26.92
CA GLY B 62 -26.63 0.31 28.35
C GLY B 62 -26.02 1.41 29.20
N ASP B 63 -25.28 1.03 30.26
CA ASP B 63 -24.51 1.98 31.11
C ASP B 63 -23.04 1.95 30.68
N THR B 64 -22.79 1.99 29.37
CA THR B 64 -21.45 2.12 28.75
C THR B 64 -21.46 3.33 27.79
N TYR B 65 -20.83 4.43 28.21
CA TYR B 65 -20.54 5.60 27.35
C TYR B 65 -19.26 5.32 26.56
N TYR B 66 -19.28 5.61 25.25
CA TYR B 66 -18.11 5.53 24.35
C TYR B 66 -17.64 6.96 24.01
N LEU B 67 -16.33 7.11 23.78
CA LEU B 67 -15.66 8.41 23.46
C LEU B 67 -14.67 8.21 22.33
N PRO B 68 -14.31 9.27 21.58
CA PRO B 68 -13.39 9.13 20.45
C PRO B 68 -11.95 8.85 20.91
N LYS B 69 -11.35 7.79 20.36
CA LYS B 69 -9.92 7.44 20.49
C LYS B 69 -9.07 8.68 20.23
N PRO B 70 -8.31 9.20 21.22
CA PRO B 70 -7.44 10.35 20.98
C PRO B 70 -6.26 9.96 20.09
N LEU B 71 -5.93 10.82 19.11
CA LEU B 71 -4.84 10.59 18.12
C LEU B 71 -3.48 10.59 18.82
N SER B 72 -3.44 10.92 20.12
CA SER B 72 -2.22 10.95 20.98
C SER B 72 -1.56 9.57 21.07
N VAL B 73 -2.36 8.50 21.10
CA VAL B 73 -1.87 7.10 21.32
C VAL B 73 -1.27 6.54 20.03
N GLU B 74 -1.68 7.05 18.87
CA GLU B 74 -1.31 6.51 17.53
C GLU B 74 0.22 6.38 17.43
N PRO B 75 1.01 7.44 17.74
CA PRO B 75 2.47 7.36 17.68
C PRO B 75 3.16 6.68 18.88
N ALA B 76 2.39 6.25 19.89
CA ALA B 76 2.90 5.75 21.19
C ALA B 76 2.52 4.27 21.40
N LEU B 77 2.02 3.58 20.37
CA LEU B 77 1.44 2.22 20.49
C LEU B 77 2.52 1.20 20.87
N GLU B 78 3.80 1.51 20.66
CA GLU B 78 4.95 0.66 21.06
C GLU B 78 5.21 0.82 22.57
N GLY B 79 4.79 1.94 23.16
CA GLY B 79 4.86 2.19 24.61
C GLY B 79 3.92 1.27 25.39
N ASP B 85 5.42 -9.28 21.85
CA ASP B 85 5.95 -10.19 20.79
C ASP B 85 6.26 -9.36 19.53
N GLU B 86 6.64 -10.02 18.44
CA GLU B 86 6.81 -9.41 17.09
C GLU B 86 5.47 -9.38 16.37
N GLU B 87 4.77 -10.53 16.32
CA GLU B 87 3.51 -10.74 15.56
C GLU B 87 2.30 -10.26 16.38
N GLU B 88 2.36 -10.39 17.71
CA GLU B 88 1.34 -9.85 18.64
C GLU B 88 1.28 -8.33 18.50
N ARG B 89 2.43 -7.68 18.31
CA ARG B 89 2.60 -6.20 18.31
C ARG B 89 1.96 -5.58 17.05
N TYR B 90 2.49 -5.91 15.86
CA TYR B 90 2.06 -5.33 14.56
C TYR B 90 0.54 -5.36 14.42
N THR B 91 -0.06 -6.55 14.59
CA THR B 91 -1.46 -6.87 14.22
C THR B 91 -2.45 -6.16 15.15
N THR B 92 -2.17 -6.10 16.46
CA THR B 92 -2.96 -5.33 17.45
C THR B 92 -2.82 -3.84 17.15
N ALA B 93 -1.57 -3.37 16.97
CA ALA B 93 -1.20 -1.95 16.73
C ALA B 93 -1.99 -1.38 15.53
N LYS B 94 -2.37 -2.23 14.56
CA LYS B 94 -3.22 -1.84 13.41
C LYS B 94 -4.69 -1.78 13.84
N ARG B 95 -5.18 -2.76 14.62
CA ARG B 95 -6.59 -2.85 15.07
C ARG B 95 -6.89 -1.70 16.04
N LEU B 96 -5.90 -1.24 16.81
CA LEU B 96 -6.01 -0.04 17.69
C LEU B 96 -6.06 1.21 16.78
N ARG B 97 -5.18 1.26 15.78
CA ARG B 97 -5.01 2.40 14.83
C ARG B 97 -6.29 2.59 14.00
N LYS B 98 -7.13 1.55 13.89
CA LYS B 98 -8.39 1.56 13.10
C LYS B 98 -9.59 1.87 14.00
N ALA B 99 -9.53 1.49 15.29
CA ALA B 99 -10.57 1.79 16.30
C ALA B 99 -10.85 3.29 16.31
N LYS B 100 -12.13 3.67 16.32
CA LYS B 100 -12.59 5.10 16.28
C LYS B 100 -13.21 5.49 17.62
N TYR B 101 -13.44 4.52 18.52
CA TYR B 101 -14.09 4.72 19.84
C TYR B 101 -13.41 3.87 20.92
N LEU B 102 -13.42 4.38 22.15
CA LEU B 102 -13.03 3.67 23.40
C LEU B 102 -14.14 3.87 24.42
N ASP B 103 -14.37 2.88 25.31
CA ASP B 103 -15.26 3.04 26.48
C ASP B 103 -14.62 4.05 27.43
N LEU B 104 -15.43 4.77 28.21
CA LEU B 104 -14.98 5.86 29.12
C LEU B 104 -13.71 5.44 29.88
N LYS B 105 -13.74 4.26 30.50
CA LYS B 105 -12.66 3.68 31.35
C LYS B 105 -11.33 3.63 30.58
N ASN B 106 -11.37 3.17 29.33
CA ASN B 106 -10.17 2.98 28.46
C ASN B 106 -9.77 4.30 27.81
N PHE B 107 -10.71 5.23 27.63
CA PHE B 107 -10.46 6.61 27.14
C PHE B 107 -9.58 7.35 28.17
N GLU B 108 -9.96 7.27 29.45
CA GLU B 108 -9.26 7.93 30.59
C GLU B 108 -7.83 7.39 30.71
N LEU B 109 -7.63 6.10 30.40
CA LEU B 109 -6.30 5.43 30.38
C LEU B 109 -5.48 5.93 29.19
N ALA B 110 -6.08 5.99 28.00
CA ALA B 110 -5.45 6.44 26.73
C ALA B 110 -4.94 7.87 26.88
N LEU B 111 -5.65 8.71 27.64
CA LEU B 111 -5.28 10.13 27.93
C LEU B 111 -3.96 10.18 28.71
N ARG B 112 -3.69 9.18 29.56
CA ARG B 112 -2.51 9.11 30.45
C ARG B 112 -1.44 8.18 29.87
N LEU B 113 -1.59 7.76 28.61
CA LEU B 113 -0.65 6.87 27.86
C LEU B 113 -0.36 5.61 28.66
N ARG B 114 -1.34 5.11 29.42
CA ARG B 114 -1.27 3.78 30.10
C ARG B 114 -1.87 2.75 29.16
N PRO B 115 -1.59 1.44 29.35
CA PRO B 115 -2.21 0.41 28.52
C PRO B 115 -3.73 0.40 28.70
N PHE B 116 -4.46 0.27 27.60
CA PHE B 116 -5.94 0.25 27.50
C PHE B 116 -6.33 -0.81 26.47
N THR B 117 -7.63 -0.98 26.22
CA THR B 117 -8.19 -1.98 25.26
C THR B 117 -9.36 -1.38 24.49
N ILE B 118 -9.85 -2.09 23.48
CA ILE B 118 -10.80 -1.61 22.44
C ILE B 118 -12.18 -2.19 22.70
N PRO B 119 -13.28 -1.47 22.37
CA PRO B 119 -14.60 -2.08 22.28
C PRO B 119 -14.66 -3.15 21.19
N GLU B 120 -15.05 -4.37 21.56
CA GLU B 120 -15.08 -5.56 20.67
C GLU B 120 -16.32 -5.47 19.76
N GLU B 121 -17.44 -5.01 20.31
CA GLU B 121 -18.67 -4.63 19.57
C GLU B 121 -18.94 -3.14 19.77
N ILE B 122 -19.14 -2.40 18.68
CA ILE B 122 -19.59 -0.97 18.68
C ILE B 122 -21.10 -0.98 18.47
N PRO B 123 -21.90 -0.31 19.34
CA PRO B 123 -23.34 -0.53 19.41
C PRO B 123 -24.18 -0.01 18.24
N TYR B 124 -23.62 0.05 17.03
CA TYR B 124 -24.31 0.49 15.79
C TYR B 124 -23.59 -0.06 14.55
N ALA B 125 -24.33 -0.27 13.46
CA ALA B 125 -23.83 -0.74 12.15
C ALA B 125 -24.46 0.12 11.04
N ARG B 126 -23.66 0.50 10.03
CA ARG B 126 -24.12 1.28 8.84
C ARG B 126 -24.67 0.31 7.79
N VAL B 127 -25.97 0.01 7.86
CA VAL B 127 -26.73 -0.68 6.78
C VAL B 127 -26.98 0.36 5.67
N ASP B 128 -26.72 -0.01 4.42
CA ASP B 128 -26.92 0.87 3.22
C ASP B 128 -27.70 0.09 2.16
N VAL B 129 -29.03 0.08 2.29
CA VAL B 129 -29.99 -0.66 1.41
C VAL B 129 -29.93 -0.06 0.02
N PRO B 130 -29.93 -0.87 -1.06
CA PRO B 130 -29.94 -0.36 -2.44
C PRO B 130 -31.36 -0.14 -2.99
N ARG B 131 -31.48 0.72 -4.01
CA ARG B 131 -32.74 1.05 -4.71
C ARG B 131 -32.43 1.56 -6.12
N PHE B 145 -28.51 4.95 -4.49
CA PHE B 145 -29.00 4.33 -3.22
C PHE B 145 -28.40 5.07 -2.02
N TRP B 146 -29.15 5.15 -0.92
CA TRP B 146 -28.80 5.89 0.32
C TRP B 146 -28.89 4.95 1.53
N GLU B 147 -28.52 5.42 2.73
CA GLU B 147 -28.19 4.55 3.90
C GLU B 147 -28.78 5.11 5.20
N GLU B 148 -28.68 4.31 6.29
CA GLU B 148 -29.17 4.64 7.65
C GLU B 148 -28.30 3.93 8.70
N ILE B 149 -28.60 4.15 9.99
CA ILE B 149 -27.81 3.63 11.16
C ILE B 149 -28.76 2.85 12.08
N ARG B 150 -28.51 1.56 12.26
CA ARG B 150 -29.31 0.63 13.11
C ARG B 150 -28.70 0.57 14.51
N PHE B 151 -29.49 0.85 15.55
CA PHE B 151 -29.06 0.87 16.96
C PHE B 151 -29.39 -0.48 17.61
N ARG B 152 -28.42 -1.03 18.36
CA ARG B 152 -28.57 -2.24 19.20
C ARG B 152 -29.55 -1.92 20.35
N GLU B 153 -29.89 -2.89 21.18
CA GLU B 153 -30.94 -2.77 22.24
C GLU B 153 -30.47 -1.81 23.34
N LYS B 154 -31.40 -0.96 23.82
CA LYS B 154 -31.17 0.08 24.87
C LYS B 154 -29.92 0.90 24.56
N SER B 155 -29.47 0.90 23.29
CA SER B 155 -28.31 1.67 22.80
C SER B 155 -28.82 2.95 22.15
N GLY B 156 -27.90 3.84 21.75
CA GLY B 156 -28.24 5.10 21.08
C GLY B 156 -27.03 6.00 20.93
N VAL B 157 -27.26 7.31 21.01
CA VAL B 157 -26.24 8.38 20.80
C VAL B 157 -26.45 9.44 21.89
N TYR B 158 -25.36 10.09 22.34
CA TYR B 158 -25.37 11.16 23.38
C TYR B 158 -24.33 12.22 23.03
N PHE B 159 -24.39 13.37 23.70
CA PHE B 159 -23.37 14.45 23.59
C PHE B 159 -23.24 15.16 24.95
N LEU B 160 -22.07 15.75 25.19
CA LEU B 160 -21.68 16.39 26.48
C LEU B 160 -21.90 17.90 26.40
N TYR B 161 -22.48 18.49 27.45
CA TYR B 161 -22.58 19.96 27.66
C TYR B 161 -21.72 20.35 28.88
N SER B 162 -20.82 21.31 28.70
CA SER B 162 -20.07 22.00 29.79
C SER B 162 -20.43 23.49 29.75
N GLY B 163 -20.56 24.11 30.93
CA GLY B 163 -20.95 25.52 31.08
C GLY B 163 -22.04 25.69 32.13
N PRO B 164 -22.65 26.90 32.26
CA PRO B 164 -23.64 27.16 33.30
C PRO B 164 -24.97 26.41 33.09
N ARG B 165 -25.62 26.05 34.20
CA ARG B 165 -26.92 25.31 34.23
C ARG B 165 -28.03 26.21 33.66
N GLU B 166 -27.99 27.51 33.94
CA GLU B 166 -29.02 28.51 33.50
C GLU B 166 -29.08 28.54 31.96
N VAL B 167 -27.94 28.37 31.28
CA VAL B 167 -27.87 28.32 29.79
C VAL B 167 -28.40 26.97 29.31
N PHE B 168 -28.14 25.88 30.05
CA PHE B 168 -28.64 24.53 29.71
C PHE B 168 -30.18 24.50 29.77
N ASP B 169 -30.74 24.99 30.88
CA ASP B 169 -32.19 24.95 31.19
C ASP B 169 -32.98 25.82 30.21
N GLY B 170 -32.41 26.96 29.80
CA GLY B 170 -33.11 28.03 29.04
C GLY B 170 -32.87 28.00 27.55
N TYR B 171 -31.99 27.11 27.05
CA TYR B 171 -31.65 26.99 25.60
C TYR B 171 -31.54 25.52 25.19
N ILE B 172 -30.49 24.82 25.67
CA ILE B 172 -30.09 23.47 25.16
C ILE B 172 -31.24 22.47 25.39
N ALA B 173 -31.75 22.38 26.63
CA ALA B 173 -32.80 21.42 27.04
C ALA B 173 -34.08 21.63 26.22
N PRO B 174 -34.71 22.84 26.24
CA PRO B 174 -35.89 23.10 25.40
C PRO B 174 -35.68 22.72 23.92
N ALA B 175 -34.54 23.13 23.35
CA ALA B 175 -34.16 22.90 21.93
C ALA B 175 -34.13 21.40 21.63
N MET B 176 -33.53 20.59 22.51
CA MET B 176 -33.38 19.12 22.32
C MET B 176 -34.76 18.44 22.37
N ARG B 177 -35.63 18.90 23.28
CA ARG B 177 -37.03 18.38 23.43
C ARG B 177 -37.83 18.71 22.17
N PHE B 178 -37.72 19.93 21.66
CA PHE B 178 -38.36 20.40 20.40
C PHE B 178 -37.90 19.52 19.23
N LEU B 179 -36.61 19.21 19.17
CA LEU B 179 -35.98 18.37 18.11
C LEU B 179 -36.43 16.91 18.25
N GLY B 180 -36.85 16.51 19.45
CA GLY B 180 -37.41 15.17 19.73
C GLY B 180 -38.84 15.02 19.22
N ASP B 181 -39.68 16.02 19.49
CA ASP B 181 -41.12 16.08 19.09
C ASP B 181 -41.92 15.05 19.92
N LEU B 194 -37.82 11.79 15.90
CA LEU B 194 -37.06 10.54 15.63
C LEU B 194 -36.42 9.99 16.91
N PHE B 195 -36.46 10.72 18.03
CA PHE B 195 -35.91 10.28 19.35
C PHE B 195 -36.60 10.99 20.51
N GLU B 196 -36.37 10.49 21.74
CA GLU B 196 -36.69 11.15 23.03
C GLU B 196 -35.38 11.53 23.73
N VAL B 197 -35.47 12.37 24.76
CA VAL B 197 -34.30 13.03 25.42
C VAL B 197 -34.36 12.81 26.93
N GLU B 198 -33.27 12.30 27.52
CA GLU B 198 -33.01 12.29 28.98
C GLU B 198 -31.53 12.63 29.19
N PHE B 199 -31.18 13.27 30.32
CA PHE B 199 -29.79 13.71 30.61
C PHE B 199 -29.42 13.41 32.07
N HIS B 200 -28.18 12.96 32.27
CA HIS B 200 -27.56 12.60 33.57
C HIS B 200 -26.22 13.32 33.71
N GLU B 201 -25.73 13.50 34.95
CA GLU B 201 -24.38 14.00 35.26
C GLU B 201 -23.36 12.91 34.87
N MET B 202 -22.28 13.28 34.20
CA MET B 202 -21.20 12.35 33.75
C MET B 202 -19.84 12.95 34.08
N LYS B 203 -18.90 12.13 34.58
CA LYS B 203 -17.54 12.56 35.00
C LYS B 203 -16.49 11.84 34.15
N ILE B 204 -15.57 12.61 33.54
CA ILE B 204 -14.33 12.13 32.87
C ILE B 204 -13.13 12.65 33.67
N ASP B 205 -12.28 11.75 34.18
CA ASP B 205 -10.97 12.11 34.77
C ASP B 205 -9.97 12.29 33.63
N ALA B 206 -9.31 13.44 33.57
CA ALA B 206 -8.35 13.81 32.49
C ALA B 206 -7.13 14.48 33.10
N PRO B 207 -5.89 14.09 32.72
CA PRO B 207 -4.69 14.75 33.21
C PRO B 207 -4.70 16.27 32.92
N GLY B 208 -4.39 17.08 33.93
CA GLY B 208 -3.97 18.49 33.74
C GLY B 208 -2.71 18.53 32.90
N SER B 209 -2.74 19.28 31.79
CA SER B 209 -1.71 19.24 30.73
C SER B 209 -1.78 20.50 29.85
N GLU B 210 -0.67 20.82 29.18
CA GLU B 210 -0.60 21.90 28.15
C GLU B 210 -1.46 21.52 26.94
N TYR B 211 -1.68 20.22 26.75
CA TYR B 211 -2.30 19.62 25.54
C TYR B 211 -3.68 19.05 25.88
N SER B 212 -4.60 19.05 24.91
CA SER B 212 -6.01 18.56 25.08
C SER B 212 -6.52 17.91 23.79
N VAL B 213 -7.42 16.92 23.94
CA VAL B 213 -8.26 16.35 22.84
C VAL B 213 -9.49 17.24 22.70
N THR B 214 -10.05 17.35 21.49
CA THR B 214 -11.41 17.91 21.26
C THR B 214 -12.40 16.76 21.17
N LEU B 215 -13.46 16.80 21.97
CA LEU B 215 -14.64 15.90 21.88
C LEU B 215 -15.64 16.47 20.85
N SER B 216 -15.25 17.54 20.15
CA SER B 216 -16.03 18.18 19.06
C SER B 216 -15.14 18.35 17.82
N ASN B 217 -15.73 18.44 16.64
CA ASN B 217 -15.03 18.88 15.39
C ASN B 217 -14.94 20.41 15.43
N ALA B 218 -13.74 20.95 15.16
CA ALA B 218 -13.40 22.37 15.41
C ALA B 218 -12.80 23.02 14.15
N LEU B 219 -12.99 24.35 14.04
CA LEU B 219 -12.24 25.25 13.12
C LEU B 219 -11.06 25.83 13.90
N PRO B 220 -9.84 25.27 13.78
CA PRO B 220 -8.73 25.68 14.64
C PRO B 220 -8.26 27.11 14.32
N THR B 221 -7.88 27.86 15.36
CA THR B 221 -7.30 29.22 15.27
C THR B 221 -5.78 29.09 15.11
N LYS B 222 -5.13 28.36 16.01
CA LYS B 222 -3.70 27.96 15.91
C LYS B 222 -3.62 26.68 15.07
N THR B 223 -2.45 26.38 14.50
CA THR B 223 -2.18 25.07 13.82
C THR B 223 -2.03 24.01 14.91
N PRO B 224 -2.61 22.80 14.72
CA PRO B 224 -2.75 21.84 15.81
C PRO B 224 -1.56 20.86 15.89
N VAL B 225 -1.59 19.93 16.84
CA VAL B 225 -0.49 18.97 17.13
C VAL B 225 -0.70 17.71 16.26
N LEU B 226 -1.72 16.91 16.57
CA LEU B 226 -2.15 15.71 15.80
C LEU B 226 -3.61 15.91 15.39
N TRP B 227 -3.97 15.56 14.15
CA TRP B 227 -5.33 15.84 13.60
C TRP B 227 -5.65 14.97 12.38
N ARG B 228 -6.95 14.86 12.09
CA ARG B 228 -7.52 14.34 10.82
C ARG B 228 -8.43 15.41 10.22
N LEU B 229 -8.11 15.91 9.03
CA LEU B 229 -8.96 16.87 8.27
C LEU B 229 -10.31 16.20 7.96
N LEU B 230 -11.33 17.02 7.74
CA LEU B 230 -12.75 16.58 7.57
C LEU B 230 -13.51 17.65 6.77
N ARG B 231 -13.76 17.36 5.49
CA ARG B 231 -14.25 18.33 4.47
C ARG B 231 -15.78 18.34 4.47
N LYS B 232 -16.38 19.53 4.42
CA LYS B 232 -17.85 19.76 4.28
C LYS B 232 -18.09 20.91 3.30
N ARG B 243 -18.14 25.33 1.82
CA ARG B 243 -17.24 24.20 2.20
C ARG B 243 -16.27 24.65 3.29
N MET B 244 -16.29 23.96 4.43
CA MET B 244 -15.41 24.24 5.61
C MET B 244 -14.39 23.10 5.76
N THR B 245 -13.15 23.43 6.15
CA THR B 245 -12.10 22.45 6.56
C THR B 245 -12.12 22.33 8.08
N PHE B 246 -12.58 21.19 8.60
CA PHE B 246 -12.74 20.90 10.05
C PHE B 246 -11.64 19.96 10.54
N ILE B 247 -11.16 20.20 11.75
CA ILE B 247 -10.39 19.23 12.60
C ILE B 247 -11.39 18.20 13.13
N ALA B 248 -11.04 16.90 13.08
CA ALA B 248 -11.91 15.79 13.51
C ALA B 248 -11.89 15.67 15.05
N GLU B 249 -12.87 14.95 15.61
CA GLU B 249 -12.91 14.55 17.04
C GLU B 249 -11.77 13.58 17.31
N GLY B 250 -11.04 13.76 18.42
CA GLY B 250 -9.87 12.94 18.76
C GLY B 250 -8.56 13.63 18.44
N SER B 251 -8.62 14.69 17.61
CA SER B 251 -7.47 15.57 17.27
C SER B 251 -6.93 16.21 18.56
N ILE B 252 -5.66 16.60 18.55
CA ILE B 252 -4.95 17.18 19.73
C ILE B 252 -4.53 18.62 19.39
N VAL B 253 -4.90 19.57 20.26
CA VAL B 253 -4.57 21.03 20.14
C VAL B 253 -3.78 21.43 21.39
N LYS B 254 -3.01 22.52 21.29
CA LYS B 254 -2.33 23.17 22.45
C LYS B 254 -2.95 24.55 22.68
N ASN B 255 -3.84 24.66 23.66
CA ASN B 255 -4.54 25.91 24.05
C ASN B 255 -5.13 26.56 22.80
N ASP B 256 -6.03 25.84 22.12
CA ASP B 256 -6.83 26.33 20.96
C ASP B 256 -8.30 26.26 21.34
N PRO B 257 -9.02 27.40 21.46
CA PRO B 257 -10.44 27.38 21.82
C PRO B 257 -11.35 27.12 20.62
N GLY B 258 -10.78 27.05 19.42
CA GLY B 258 -11.53 27.06 18.14
C GLY B 258 -12.18 28.41 17.92
N GLY B 259 -13.26 28.45 17.14
CA GLY B 259 -14.01 29.70 16.85
C GLY B 259 -15.30 29.45 16.11
N MET B 260 -16.21 30.43 16.17
CA MET B 260 -17.50 30.44 15.42
C MET B 260 -17.32 31.30 14.16
N GLU B 261 -18.10 31.01 13.11
CA GLU B 261 -18.10 31.79 11.84
C GLU B 261 -19.54 32.09 11.43
N ARG B 262 -19.89 33.38 11.36
CA ARG B 262 -21.19 33.90 10.87
C ARG B 262 -21.07 34.16 9.36
N LEU B 263 -22.14 33.90 8.58
CA LEU B 263 -22.14 34.12 7.11
C LEU B 263 -23.57 34.30 6.59
N GLU B 264 -23.69 34.65 5.31
CA GLU B 264 -24.92 35.14 4.63
C GLU B 264 -25.22 34.25 3.41
N LEU B 265 -26.47 33.78 3.27
CA LEU B 265 -26.90 32.82 2.23
C LEU B 265 -28.31 33.19 1.74
N GLU B 270 -29.03 35.45 8.82
CA GLU B 270 -27.59 35.15 9.09
C GLU B 270 -27.49 33.85 9.89
N VAL B 271 -26.46 33.03 9.60
CA VAL B 271 -26.25 31.68 10.20
C VAL B 271 -24.85 31.61 10.82
N TYR B 272 -24.77 31.08 12.05
CA TYR B 272 -23.52 30.83 12.80
C TYR B 272 -23.09 29.38 12.60
N VAL B 273 -21.78 29.14 12.40
CA VAL B 273 -21.16 27.80 12.23
C VAL B 273 -20.29 27.51 13.46
N TYR B 274 -20.65 26.49 14.24
CA TYR B 274 -19.95 26.07 15.48
C TYR B 274 -18.69 25.29 15.12
N GLY B 275 -17.54 25.74 15.63
CA GLY B 275 -16.24 25.06 15.51
C GLY B 275 -15.38 25.27 16.74
N LEU B 276 -16.00 25.34 17.92
CA LEU B 276 -15.30 25.51 19.22
C LEU B 276 -14.79 24.15 19.69
N THR B 277 -13.62 24.11 20.33
CA THR B 277 -13.00 22.90 20.90
C THR B 277 -13.68 22.54 22.22
N PHE B 278 -13.85 21.24 22.48
CA PHE B 278 -14.32 20.65 23.77
C PHE B 278 -13.12 19.95 24.40
N PRO B 279 -12.17 20.70 25.01
CA PRO B 279 -10.89 20.13 25.45
C PRO B 279 -10.93 19.30 26.74
N LEU B 280 -10.26 18.14 26.73
CA LEU B 280 -9.82 17.38 27.93
C LEU B 280 -8.31 17.21 27.85
N GLY B 281 -7.58 17.51 28.94
CA GLY B 281 -6.12 17.39 29.02
C GLY B 281 -5.66 15.99 28.66
N VAL B 282 -4.58 15.89 27.88
CA VAL B 282 -4.06 14.61 27.30
C VAL B 282 -2.53 14.58 27.49
N GLU B 283 -2.00 13.50 28.07
CA GLU B 283 -0.53 13.26 28.20
C GLU B 283 -0.01 12.84 26.81
N LEU B 284 1.00 13.56 26.30
CA LEU B 284 1.60 13.32 24.95
C LEU B 284 2.88 12.52 25.10
N PRO B 285 3.22 11.66 24.11
CA PRO B 285 4.52 10.99 24.05
C PRO B 285 5.56 11.91 23.39
N GLU B 286 6.80 11.91 23.90
CA GLU B 286 7.88 12.81 23.43
C GLU B 286 8.38 12.34 22.05
N GLY B 287 7.88 12.98 20.98
CA GLY B 287 8.24 12.66 19.58
C GLY B 287 7.83 13.78 18.63
PG ATP C . -1.01 -6.45 6.73
O1G ATP C . -1.64 -6.13 5.40
O2G ATP C . -1.90 -6.10 7.90
O3G ATP C . -0.49 -7.87 6.81
PB ATP C . 1.72 -5.51 6.18
O1B ATP C . 2.64 -4.66 7.01
O2B ATP C . 2.08 -6.92 5.90
O3B ATP C . 0.26 -5.47 6.84
PA ATP C . 0.79 -3.40 4.32
O1A ATP C . 0.19 -2.76 5.53
O2A ATP C . -0.09 -3.67 3.15
O3A ATP C . 1.48 -4.78 4.77
O5' ATP C . 2.07 -2.54 3.85
C5' ATP C . 3.42 -3.01 4.10
C4' ATP C . 4.39 -1.87 3.86
O4' ATP C . 5.35 -2.26 2.84
C3' ATP C . 3.78 -0.55 3.35
O3' ATP C . 4.49 0.56 3.86
C2' ATP C . 3.92 -0.70 1.84
O2' ATP C . 3.88 0.54 1.15
C1' ATP C . 5.29 -1.36 1.75
N9 ATP C . 5.54 -2.12 0.52
C8 ATP C . 4.63 -2.87 -0.19
N7 ATP C . 5.17 -3.43 -1.25
C5 ATP C . 6.49 -3.03 -1.23
C6 ATP C . 7.58 -3.28 -2.10
N6 ATP C . 7.49 -4.04 -3.18
N1 ATP C . 8.77 -2.72 -1.78
C2 ATP C . 8.85 -1.95 -0.68
N3 ATP C . 7.90 -1.65 0.19
C4 ATP C . 6.72 -2.21 -0.14
MN MN D . -0.62 -3.20 0.84
MN MN E . 0.30 -6.25 3.45
#